data_5XVS
#
_entry.id   5XVS
#
_cell.length_a   86.879
_cell.length_b   147.654
_cell.length_c   124.981
_cell.angle_alpha   90.00
_cell.angle_beta   90.00
_cell.angle_gamma   90.00
#
_symmetry.space_group_name_H-M   'C 2 2 21'
#
loop_
_entity.id
_entity.type
_entity.pdbx_description
1 polymer "GDP/UDP-N,N'-diacetylbacillosamine 2-epimerase (Hydrolyzing)"
2 non-polymer 'LITHIUM ION'
3 non-polymer "URIDINE-5'-DIPHOSPHATE"
4 non-polymer 2-acetamido-2-deoxy-beta-D-glucopyranose
5 water water
#
_entity_poly.entity_id   1
_entity_poly.type   'polypeptide(L)'
_entity_poly.pdbx_seq_one_letter_code
;MKKIAVFTGTRAEYGLLYWLMRDIQQDPELELQILATAMHYSPEHGETWKTIVKDGFEITESVEMLLSSDTSSAVVKSMG
VGLLGFADALKRMQPDVLVVLGDRFEALAVTQAALIMHVPVAHLHGGEITEGAYDESIRHAITKMSNIHFAAAEEYKKRI
IQLGEQPERVFNVGALGLDHIQRTTFKSISELSELYDFDFSKPYFLITYHPETNLLEENVAPLFDALKQINDVNFIFSYP
NADNGNTNIVKAMLDLKAQLPDRVLLVKSFGIQNYLSVLKNALAMVGNSSSGLSEAPALQVPTVNIGDRQKGRLRCESIL
DVRLDENEIVEALQKAINFPKDQLSQVVPPLGLGNTSQKIIEVIKTTDFKKKAPFYDLL
;
_entity_poly.pdbx_strand_id   A,B
#
# COMPACT_ATOMS: atom_id res chain seq x y z
N MET A 1 -17.49 20.31 14.03
CA MET A 1 -16.18 20.61 13.46
C MET A 1 -15.46 19.33 13.08
N LYS A 2 -14.98 19.26 11.84
CA LYS A 2 -14.24 18.11 11.34
C LYS A 2 -12.78 18.47 11.21
N LYS A 3 -11.90 17.59 11.69
CA LYS A 3 -10.47 17.80 11.56
C LYS A 3 -10.00 17.15 10.26
N ILE A 4 -9.61 17.97 9.30
CA ILE A 4 -9.10 17.53 8.01
C ILE A 4 -7.60 17.78 8.00
N ALA A 5 -6.82 16.72 8.08
CA ALA A 5 -5.37 16.83 7.98
C ALA A 5 -4.95 16.59 6.54
N VAL A 6 -4.05 17.44 6.05
CA VAL A 6 -3.48 17.32 4.71
C VAL A 6 -2.05 16.86 4.86
N PHE A 7 -1.72 15.74 4.22
CA PHE A 7 -0.36 15.21 4.21
C PHE A 7 0.40 15.83 3.06
N THR A 8 1.64 16.25 3.33
CA THR A 8 2.46 16.80 2.25
C THR A 8 3.92 16.41 2.44
N GLY A 9 4.51 15.89 1.36
CA GLY A 9 5.87 15.40 1.40
C GLY A 9 6.82 16.07 0.43
N THR A 10 6.31 16.85 -0.53
CA THR A 10 7.17 17.59 -1.44
C THR A 10 6.55 18.94 -1.75
N ARG A 11 7.41 19.85 -2.21
CA ARG A 11 6.98 21.18 -2.61
C ARG A 11 5.98 21.12 -3.76
N ALA A 12 6.22 20.24 -4.73
CA ALA A 12 5.32 20.18 -5.89
C ALA A 12 3.91 19.75 -5.48
N GLU A 13 3.80 18.68 -4.67
CA GLU A 13 2.46 18.22 -4.32
C GLU A 13 1.79 19.13 -3.30
N TYR A 14 2.58 19.85 -2.49
CA TYR A 14 2.01 20.95 -1.71
C TYR A 14 1.39 21.99 -2.63
N GLY A 15 2.12 22.35 -3.70
CA GLY A 15 1.55 23.26 -4.69
C GLY A 15 0.24 22.76 -5.26
N LEU A 16 0.17 21.45 -5.55
CA LEU A 16 -1.09 20.91 -6.07
C LEU A 16 -2.20 20.96 -5.05
N LEU A 17 -1.87 20.80 -3.75
CA LEU A 17 -2.86 20.77 -2.68
C LEU A 17 -3.22 22.16 -2.15
N TYR A 18 -2.54 23.19 -2.64
CA TYR A 18 -2.59 24.52 -2.01
C TYR A 18 -4.03 25.00 -1.83
N TRP A 19 -4.83 24.99 -2.89
CA TRP A 19 -6.14 25.62 -2.81
C TRP A 19 -7.12 24.82 -1.97
N LEU A 20 -6.97 23.49 -1.93
CA LEU A 20 -7.75 22.71 -0.99
C LEU A 20 -7.40 23.11 0.44
N MET A 21 -6.12 23.30 0.72
CA MET A 21 -5.72 23.75 2.06
C MET A 21 -6.30 25.13 2.36
N ARG A 22 -6.18 26.06 1.42
CA ARG A 22 -6.75 27.40 1.61
C ARG A 22 -8.23 27.33 1.92
N ASP A 23 -8.96 26.46 1.21
CA ASP A 23 -10.41 26.40 1.40
C ASP A 23 -10.77 25.78 2.75
N ILE A 24 -10.08 24.71 3.16
CA ILE A 24 -10.33 24.14 4.47
C ILE A 24 -10.03 25.17 5.55
N GLN A 25 -8.89 25.85 5.44
CA GLN A 25 -8.51 26.89 6.40
C GLN A 25 -9.59 27.98 6.49
N GLN A 26 -10.12 28.40 5.35
CA GLN A 26 -11.15 29.44 5.35
C GLN A 26 -12.47 28.94 5.91
N ASP A 27 -12.84 27.69 5.61
CA ASP A 27 -14.12 27.13 6.01
C ASP A 27 -14.24 27.04 7.52
N PRO A 28 -15.28 27.64 8.13
CA PRO A 28 -15.33 27.68 9.60
C PRO A 28 -15.68 26.36 10.26
N GLU A 29 -16.40 25.47 9.58
CA GLU A 29 -16.75 24.18 10.16
C GLU A 29 -15.72 23.10 9.85
N LEU A 30 -14.57 23.46 9.26
CA LEU A 30 -13.49 22.53 8.99
C LEU A 30 -12.20 23.07 9.57
N GLU A 31 -11.53 22.26 10.39
CA GLU A 31 -10.25 22.62 10.98
C GLU A 31 -9.14 21.97 10.17
N LEU A 32 -8.20 22.79 9.68
CA LEU A 32 -7.10 22.30 8.87
C LEU A 32 -5.95 21.88 9.77
N GLN A 33 -5.51 20.64 9.61
CA GLN A 33 -4.26 20.15 10.15
C GLN A 33 -3.32 19.86 8.98
N ILE A 34 -2.02 19.95 9.22
CA ILE A 34 -1.02 19.72 8.19
C ILE A 34 0.04 18.79 8.76
N LEU A 35 0.31 17.69 8.05
CA LEU A 35 1.42 16.80 8.38
C LEU A 35 2.42 16.92 7.25
N ALA A 36 3.50 17.66 7.50
CA ALA A 36 4.56 17.88 6.52
C ALA A 36 5.76 17.00 6.83
N THR A 37 6.38 16.45 5.80
CA THR A 37 7.45 15.47 6.00
C THR A 37 8.29 15.36 4.72
N ALA A 38 9.20 14.39 4.72
CA ALA A 38 10.01 13.96 3.56
C ALA A 38 10.77 15.17 3.02
N MET A 39 10.65 15.48 1.72
CA MET A 39 11.50 16.47 1.05
C MET A 39 11.27 17.89 1.52
N HIS A 40 10.21 18.14 2.29
CA HIS A 40 10.06 19.47 2.90
C HIS A 40 11.16 19.75 3.91
N TYR A 41 11.83 18.71 4.41
CA TYR A 41 12.89 18.87 5.39
C TYR A 41 14.24 18.42 4.82
N SER A 42 14.42 18.63 3.53
CA SER A 42 15.64 18.29 2.80
C SER A 42 16.40 19.56 2.48
N PRO A 43 17.68 19.66 2.87
CA PRO A 43 18.44 20.88 2.52
C PRO A 43 18.71 21.01 1.05
N GLU A 44 18.65 19.91 0.29
CA GLU A 44 18.83 19.97 -1.15
C GLU A 44 17.86 20.95 -1.78
N HIS A 45 16.61 20.97 -1.31
CA HIS A 45 15.54 21.76 -1.91
C HIS A 45 15.18 22.97 -1.07
N GLY A 46 16.05 23.37 -0.15
CA GLY A 46 15.90 24.64 0.54
C GLY A 46 14.87 24.67 1.64
N GLU A 47 14.59 23.53 2.27
CA GLU A 47 13.68 23.44 3.41
C GLU A 47 12.31 24.05 3.07
N THR A 48 11.64 23.42 2.12
CA THR A 48 10.40 24.00 1.58
C THR A 48 9.26 24.04 2.60
N TRP A 49 9.41 23.44 3.79
CA TRP A 49 8.39 23.61 4.83
C TRP A 49 8.23 25.09 5.18
N LYS A 50 9.32 25.84 5.10
CA LYS A 50 9.26 27.28 5.34
C LYS A 50 8.30 27.96 4.39
N THR A 51 8.20 27.49 3.15
CA THR A 51 7.23 28.02 2.20
C THR A 51 5.81 27.81 2.68
N ILE A 52 5.52 26.60 3.20
CA ILE A 52 4.22 26.33 3.79
C ILE A 52 3.91 27.33 4.90
N VAL A 53 4.88 27.60 5.78
CA VAL A 53 4.61 28.56 6.85
C VAL A 53 4.43 29.97 6.30
N LYS A 54 5.21 30.33 5.27
CA LYS A 54 5.17 31.69 4.75
C LYS A 54 3.86 31.97 4.02
N ASP A 55 3.23 30.94 3.47
CA ASP A 55 1.95 31.10 2.78
C ASP A 55 0.77 31.24 3.73
N GLY A 56 1.00 31.27 5.03
CA GLY A 56 -0.05 31.47 5.99
C GLY A 56 -0.54 30.22 6.68
N PHE A 57 0.13 29.09 6.53
CA PHE A 57 -0.30 27.83 7.11
C PHE A 57 0.50 27.51 8.36
N GLU A 58 -0.12 26.75 9.25
CA GLU A 58 0.51 26.23 10.46
C GLU A 58 0.77 24.74 10.25
N ILE A 59 2.03 24.35 10.34
CA ILE A 59 2.39 22.93 10.25
C ILE A 59 2.06 22.30 11.60
N THR A 60 1.04 21.44 11.62
CA THR A 60 0.59 20.83 12.87
C THR A 60 1.62 19.82 13.38
N GLU A 61 2.08 18.94 12.51
CA GLU A 61 3.11 17.96 12.84
C GLU A 61 4.13 17.94 11.72
N SER A 62 5.38 17.79 12.07
CA SER A 62 6.46 17.68 11.11
C SER A 62 7.30 16.46 11.44
N VAL A 63 7.68 15.70 10.42
CA VAL A 63 8.41 14.45 10.61
C VAL A 63 9.58 14.45 9.63
N GLU A 64 10.79 14.71 10.14
CA GLU A 64 11.99 14.46 9.37
C GLU A 64 12.19 12.96 9.21
N MET A 65 12.50 12.51 7.99
CA MET A 65 12.58 11.07 7.76
C MET A 65 13.65 10.65 6.75
N LEU A 66 14.00 11.52 5.81
CA LEU A 66 14.80 11.11 4.66
C LEU A 66 16.26 10.95 5.05
N LEU A 67 16.83 9.79 4.70
CA LEU A 67 18.26 9.58 4.91
C LEU A 67 19.06 10.22 3.80
N SER A 68 20.25 10.71 4.16
CA SER A 68 21.17 11.35 3.23
C SER A 68 21.91 10.23 2.48
N SER A 69 21.30 9.78 1.38
CA SER A 69 21.83 8.64 0.64
C SER A 69 21.06 8.51 -0.68
N ASP A 70 21.61 7.70 -1.59
CA ASP A 70 20.97 7.41 -2.86
C ASP A 70 20.57 5.94 -3.01
N THR A 71 20.89 5.09 -2.04
CA THR A 71 20.52 3.68 -2.14
C THR A 71 19.04 3.50 -1.89
N SER A 72 18.48 2.44 -2.46
CA SER A 72 17.09 2.08 -2.18
C SER A 72 16.94 1.51 -0.77
N SER A 73 17.99 0.89 -0.26
CA SER A 73 18.01 0.49 1.15
C SER A 73 17.70 1.67 2.05
N ALA A 74 18.34 2.81 1.77
CA ALA A 74 18.11 3.99 2.58
C ALA A 74 16.73 4.60 2.34
N VAL A 75 16.10 4.32 1.19
CA VAL A 75 14.71 4.71 1.01
C VAL A 75 13.82 3.88 1.93
N VAL A 76 14.11 2.59 2.05
CA VAL A 76 13.35 1.76 2.98
C VAL A 76 13.54 2.24 4.42
N LYS A 77 14.77 2.58 4.78
CA LYS A 77 15.01 3.11 6.12
C LYS A 77 14.27 4.42 6.34
N SER A 78 14.30 5.31 5.33
CA SER A 78 13.55 6.55 5.40
C SER A 78 12.07 6.28 5.63
N MET A 79 11.54 5.25 4.96
CA MET A 79 10.14 4.90 5.15
C MET A 79 9.89 4.41 6.57
N GLY A 80 10.85 3.67 7.16
CA GLY A 80 10.69 3.22 8.53
C GLY A 80 10.68 4.37 9.52
N VAL A 81 11.64 5.29 9.40
CA VAL A 81 11.61 6.50 10.21
C VAL A 81 10.29 7.23 10.02
N GLY A 82 9.80 7.28 8.78
CA GLY A 82 8.52 7.90 8.52
C GLY A 82 7.39 7.26 9.31
N LEU A 83 7.31 5.93 9.28
CA LEU A 83 6.27 5.25 10.03
C LEU A 83 6.38 5.53 11.52
N LEU A 84 7.61 5.55 12.05
CA LEU A 84 7.80 5.80 13.47
C LEU A 84 7.33 7.21 13.84
N GLY A 85 7.59 8.20 13.00
CA GLY A 85 7.12 9.54 13.29
C GLY A 85 5.62 9.70 13.07
N PHE A 86 5.10 9.03 12.03
CA PHE A 86 3.68 9.14 11.69
C PHE A 86 2.80 8.51 12.75
N ALA A 87 3.28 7.46 13.42
CA ALA A 87 2.52 6.87 14.51
C ALA A 87 2.20 7.93 15.57
N ASP A 88 3.23 8.59 16.09
CA ASP A 88 3.00 9.59 17.13
C ASP A 88 2.28 10.83 16.58
N ALA A 89 2.55 11.21 15.32
CA ALA A 89 1.93 12.40 14.75
C ALA A 89 0.42 12.21 14.60
N LEU A 90 0.01 11.09 14.00
CA LEU A 90 -1.42 10.78 13.89
C LEU A 90 -2.06 10.56 15.26
N LYS A 91 -1.31 9.95 16.19
CA LYS A 91 -1.82 9.78 17.55
C LYS A 91 -2.16 11.13 18.17
N ARG A 92 -1.29 12.12 18.00
CA ARG A 92 -1.57 13.42 18.60
C ARG A 92 -2.64 14.18 17.83
N MET A 93 -2.62 14.11 16.50
CA MET A 93 -3.54 14.92 15.70
C MET A 93 -4.97 14.43 15.81
N GLN A 94 -5.17 13.11 15.80
CA GLN A 94 -6.49 12.50 15.76
C GLN A 94 -7.37 13.10 14.66
N PRO A 95 -6.90 13.10 13.41
CA PRO A 95 -7.69 13.71 12.35
C PRO A 95 -8.95 12.91 12.09
N ASP A 96 -10.00 13.61 11.66
CA ASP A 96 -11.18 12.91 11.16
C ASP A 96 -10.96 12.42 9.75
N VAL A 97 -10.17 13.15 8.97
CA VAL A 97 -9.82 12.76 7.61
C VAL A 97 -8.33 13.02 7.41
N LEU A 98 -7.68 12.12 6.69
CA LEU A 98 -6.33 12.36 6.19
C LEU A 98 -6.37 12.42 4.67
N VAL A 99 -5.98 13.56 4.11
CA VAL A 99 -5.93 13.76 2.67
C VAL A 99 -4.52 13.41 2.20
N VAL A 100 -4.43 12.48 1.25
CA VAL A 100 -3.18 12.01 0.71
C VAL A 100 -3.25 12.11 -0.81
N LEU A 101 -2.24 12.70 -1.43
CA LEU A 101 -2.20 12.88 -2.88
C LEU A 101 -1.03 12.10 -3.47
N GLY A 102 -1.28 11.38 -4.55
CA GLY A 102 -0.20 10.84 -5.34
C GLY A 102 0.30 9.45 -4.99
N ASP A 103 1.61 9.24 -5.17
CA ASP A 103 2.15 7.89 -5.13
C ASP A 103 3.58 7.80 -4.61
N ARG A 104 4.06 8.77 -3.85
CA ARG A 104 5.40 8.67 -3.30
C ARG A 104 5.40 7.73 -2.10
N PHE A 105 6.58 7.18 -1.77
CA PHE A 105 6.64 6.13 -0.77
C PHE A 105 6.23 6.64 0.62
N GLU A 106 6.47 7.93 0.90
CA GLU A 106 6.06 8.46 2.19
C GLU A 106 4.54 8.55 2.29
N ALA A 107 3.86 8.69 1.14
CA ALA A 107 2.40 8.69 1.14
C ALA A 107 1.85 7.29 1.34
N LEU A 108 2.50 6.29 0.74
CA LEU A 108 2.20 4.90 1.08
C LEU A 108 2.34 4.67 2.58
N ALA A 109 3.45 5.15 3.13
CA ALA A 109 3.72 4.97 4.56
C ALA A 109 2.61 5.59 5.42
N VAL A 110 2.32 6.88 5.19
CA VAL A 110 1.31 7.51 6.04
C VAL A 110 -0.06 6.89 5.81
N THR A 111 -0.31 6.39 4.61
CA THR A 111 -1.61 5.80 4.34
C THR A 111 -1.80 4.51 5.12
N GLN A 112 -0.79 3.64 5.13
CA GLN A 112 -0.94 2.41 5.90
C GLN A 112 -0.94 2.70 7.41
N ALA A 113 -0.18 3.71 7.86
CA ALA A 113 -0.28 4.11 9.25
C ALA A 113 -1.70 4.52 9.61
N ALA A 114 -2.32 5.32 8.73
CA ALA A 114 -3.69 5.76 8.97
C ALA A 114 -4.64 4.57 8.99
N LEU A 115 -4.46 3.63 8.05
CA LEU A 115 -5.29 2.44 8.01
C LEU A 115 -5.22 1.68 9.33
N ILE A 116 -4.00 1.43 9.83
CA ILE A 116 -3.85 0.71 11.08
C ILE A 116 -4.52 1.47 12.21
N MET A 117 -4.36 2.79 12.22
CA MET A 117 -4.88 3.61 13.31
C MET A 117 -6.28 4.15 13.04
N HIS A 118 -6.96 3.64 12.00
CA HIS A 118 -8.39 3.91 11.76
C HIS A 118 -8.68 5.38 11.46
N VAL A 119 -7.73 6.08 10.87
CA VAL A 119 -7.97 7.41 10.32
C VAL A 119 -8.37 7.24 8.85
N PRO A 120 -9.57 7.65 8.46
CA PRO A 120 -10.00 7.50 7.06
C PRO A 120 -9.10 8.30 6.12
N VAL A 121 -8.73 7.68 5.01
CA VAL A 121 -7.89 8.32 4.01
C VAL A 121 -8.73 8.71 2.80
N ALA A 122 -8.58 9.96 2.38
CA ALA A 122 -9.07 10.44 1.09
C ALA A 122 -7.87 10.54 0.16
N HIS A 123 -7.86 9.73 -0.89
CA HIS A 123 -6.76 9.69 -1.84
C HIS A 123 -7.10 10.49 -3.08
N LEU A 124 -6.13 11.30 -3.53
CA LEU A 124 -6.25 12.10 -4.73
C LEU A 124 -5.33 11.55 -5.81
N HIS A 125 -5.84 11.53 -7.05
CA HIS A 125 -5.09 11.12 -8.24
C HIS A 125 -4.85 9.61 -8.27
N GLY A 126 -5.78 8.83 -7.73
CA GLY A 126 -5.72 7.40 -7.91
C GLY A 126 -6.12 6.98 -9.31
N GLY A 127 -5.84 5.72 -9.63
CA GLY A 127 -6.23 5.17 -10.92
C GLY A 127 -5.44 5.65 -12.11
N GLU A 128 -4.30 6.28 -11.90
CA GLU A 128 -3.51 6.81 -13.01
C GLU A 128 -2.38 5.86 -13.38
N ILE A 129 -1.80 6.11 -14.55
CA ILE A 129 -0.80 5.26 -15.19
C ILE A 129 0.37 6.16 -15.56
N THR A 130 1.53 5.93 -14.96
CA THR A 130 2.70 6.77 -15.24
C THR A 130 3.96 5.93 -14.98
N GLU A 131 4.22 5.00 -15.90
CA GLU A 131 5.24 3.96 -15.71
C GLU A 131 6.54 4.52 -15.12
N GLY A 132 7.08 3.79 -14.14
CA GLY A 132 8.35 4.16 -13.55
C GLY A 132 9.00 2.91 -13.00
N ALA A 133 9.93 3.08 -12.05
CA ALA A 133 10.48 1.91 -11.36
C ALA A 133 9.36 1.14 -10.66
N TYR A 134 8.54 1.84 -9.88
CA TYR A 134 7.42 1.19 -9.18
C TYR A 134 6.39 2.20 -8.70
N ASP A 135 6.39 3.43 -9.20
CA ASP A 135 5.44 4.44 -8.73
C ASP A 135 4.00 3.99 -8.92
N GLU A 136 3.75 3.23 -9.99
CA GLU A 136 2.40 2.77 -10.29
C GLU A 136 1.88 1.82 -9.22
N SER A 137 2.65 0.76 -8.93
CA SER A 137 2.30 -0.18 -7.88
C SER A 137 1.96 0.53 -6.59
N ILE A 138 2.80 1.48 -6.19
CA ILE A 138 2.57 2.22 -4.95
C ILE A 138 1.26 2.99 -5.03
N ARG A 139 1.00 3.65 -6.15
CA ARG A 139 -0.26 4.39 -6.30
C ARG A 139 -1.45 3.48 -6.03
N HIS A 140 -1.45 2.29 -6.63
CA HIS A 140 -2.58 1.38 -6.47
C HIS A 140 -2.65 0.80 -5.05
N ALA A 141 -1.50 0.60 -4.42
CA ALA A 141 -1.50 0.18 -3.02
C ALA A 141 -2.15 1.24 -2.15
N ILE A 142 -1.81 2.51 -2.39
CA ILE A 142 -2.45 3.59 -1.65
C ILE A 142 -3.96 3.56 -1.88
N THR A 143 -4.37 3.35 -3.14
CA THR A 143 -5.81 3.27 -3.42
C THR A 143 -6.46 2.19 -2.58
N LYS A 144 -5.84 1.01 -2.52
CA LYS A 144 -6.46 -0.10 -1.79
C LYS A 144 -6.53 0.14 -0.29
N MET A 145 -5.69 1.02 0.25
CA MET A 145 -5.73 1.30 1.69
C MET A 145 -6.42 2.61 2.00
N SER A 146 -7.15 3.18 1.05
CA SER A 146 -7.88 4.43 1.24
C SER A 146 -9.38 4.17 1.26
N ASN A 147 -10.11 5.09 1.89
CA ASN A 147 -11.54 4.96 2.10
C ASN A 147 -12.37 5.75 1.11
N ILE A 148 -11.87 6.89 0.62
CA ILE A 148 -12.60 7.62 -0.40
C ILE A 148 -11.59 8.14 -1.42
N HIS A 149 -12.05 8.34 -2.65
CA HIS A 149 -11.16 8.52 -3.78
C HIS A 149 -11.63 9.68 -4.64
N PHE A 150 -10.73 10.61 -4.92
CA PHE A 150 -11.02 11.80 -5.71
C PHE A 150 -10.14 11.72 -6.96
N ALA A 151 -10.69 11.15 -8.03
CA ALA A 151 -9.95 10.99 -9.27
C ALA A 151 -10.02 12.27 -10.10
N ALA A 152 -9.08 12.40 -11.02
CA ALA A 152 -8.97 13.58 -11.86
C ALA A 152 -9.68 13.43 -13.20
N ALA A 153 -10.18 12.25 -13.54
CA ALA A 153 -10.82 12.01 -14.83
C ALA A 153 -11.62 10.72 -14.76
N GLU A 154 -12.42 10.49 -15.80
CA GLU A 154 -13.32 9.33 -15.83
C GLU A 154 -12.57 8.02 -16.03
N GLU A 155 -11.54 8.01 -16.89
CA GLU A 155 -10.71 6.82 -17.04
C GLU A 155 -10.10 6.41 -15.70
N TYR A 156 -9.66 7.40 -14.93
CA TYR A 156 -9.03 7.11 -13.64
C TYR A 156 -10.05 6.62 -12.62
N LYS A 157 -11.21 7.28 -12.54
CA LYS A 157 -12.28 6.80 -11.67
C LYS A 157 -12.68 5.36 -12.01
N LYS A 158 -12.79 5.05 -13.30
CA LYS A 158 -13.15 3.70 -13.72
C LYS A 158 -12.08 2.70 -13.32
N ARG A 159 -10.80 3.06 -13.46
CA ARG A 159 -9.75 2.14 -13.05
C ARG A 159 -9.75 1.96 -11.52
N ILE A 160 -10.07 3.01 -10.77
CA ILE A 160 -10.19 2.88 -9.31
C ILE A 160 -11.32 1.92 -8.96
N ILE A 161 -12.45 2.03 -9.67
CA ILE A 161 -13.56 1.12 -9.42
C ILE A 161 -13.20 -0.31 -9.78
N GLN A 162 -12.42 -0.49 -10.86
CA GLN A 162 -11.95 -1.84 -11.19
C GLN A 162 -11.06 -2.40 -10.08
N LEU A 163 -10.28 -1.54 -9.42
CA LEU A 163 -9.45 -1.97 -8.31
C LEU A 163 -10.25 -2.51 -7.14
N GLY A 164 -11.57 -2.42 -7.17
CA GLY A 164 -12.40 -2.95 -6.11
C GLY A 164 -13.01 -1.91 -5.20
N GLU A 165 -12.82 -0.64 -5.50
CA GLU A 165 -13.41 0.41 -4.70
C GLU A 165 -14.88 0.59 -5.10
N GLN A 166 -15.73 0.77 -4.10
CA GLN A 166 -17.15 0.95 -4.36
C GLN A 166 -17.37 2.20 -5.20
N PRO A 167 -18.21 2.14 -6.23
CA PRO A 167 -18.49 3.35 -7.03
C PRO A 167 -18.97 4.53 -6.21
N GLU A 168 -19.73 4.30 -5.14
CA GLU A 168 -20.17 5.41 -4.29
C GLU A 168 -19.02 6.06 -3.53
N ARG A 169 -17.81 5.50 -3.58
CA ARG A 169 -16.65 6.06 -2.91
C ARG A 169 -15.67 6.71 -3.87
N VAL A 170 -15.88 6.63 -5.18
CA VAL A 170 -14.98 7.21 -6.17
C VAL A 170 -15.68 8.41 -6.80
N PHE A 171 -14.95 9.51 -6.92
CA PHE A 171 -15.51 10.75 -7.45
C PHE A 171 -14.55 11.36 -8.44
N ASN A 172 -15.02 11.59 -9.66
CA ASN A 172 -14.28 12.39 -10.63
C ASN A 172 -14.51 13.85 -10.29
N VAL A 173 -13.45 14.52 -9.82
CA VAL A 173 -13.53 15.91 -9.38
C VAL A 173 -12.59 16.82 -10.14
N GLY A 174 -11.81 16.28 -11.08
CA GLY A 174 -10.80 17.04 -11.78
C GLY A 174 -9.47 17.07 -11.04
N ALA A 175 -8.52 17.77 -11.66
CA ALA A 175 -7.17 17.92 -11.12
C ALA A 175 -7.13 19.13 -10.21
N LEU A 176 -6.77 18.90 -8.94
CA LEU A 176 -6.86 19.95 -7.94
C LEU A 176 -5.87 21.08 -8.23
N GLY A 177 -4.70 20.74 -8.77
CA GLY A 177 -3.72 21.76 -9.10
C GLY A 177 -4.26 22.79 -10.07
N LEU A 178 -5.14 22.37 -10.97
CA LEU A 178 -5.68 23.30 -11.95
C LEU A 178 -6.56 24.38 -11.32
N ASP A 179 -6.91 24.26 -10.04
CA ASP A 179 -7.57 25.38 -9.37
C ASP A 179 -6.73 26.65 -9.46
N HIS A 180 -5.41 26.51 -9.52
CA HIS A 180 -4.55 27.67 -9.74
C HIS A 180 -4.98 28.45 -10.98
N ILE A 181 -5.20 27.73 -12.09
CA ILE A 181 -5.62 28.38 -13.34
C ILE A 181 -6.87 29.22 -13.09
N GLN A 182 -7.81 28.69 -12.30
CA GLN A 182 -9.07 29.38 -12.11
C GLN A 182 -8.98 30.53 -11.12
N ARG A 183 -7.94 30.54 -10.26
CA ARG A 183 -7.89 31.51 -9.17
C ARG A 183 -6.71 32.48 -9.24
N THR A 184 -5.82 32.31 -10.20
CA THR A 184 -4.67 33.19 -10.33
C THR A 184 -5.09 34.50 -10.99
N THR A 185 -4.66 35.62 -10.42
CA THR A 185 -4.67 36.90 -11.13
C THR A 185 -3.34 36.99 -11.87
N PHE A 186 -3.38 36.82 -13.20
CA PHE A 186 -2.16 36.70 -13.97
C PHE A 186 -1.44 38.05 -14.09
N LYS A 187 -0.11 37.98 -14.20
CA LYS A 187 0.68 39.15 -14.53
C LYS A 187 0.54 39.47 -16.01
N SER A 188 0.47 40.75 -16.33
CA SER A 188 0.41 41.16 -17.73
C SER A 188 1.78 41.00 -18.38
N ILE A 189 1.80 41.12 -19.72
CA ILE A 189 3.06 41.05 -20.44
C ILE A 189 3.99 42.17 -20.00
N SER A 190 3.43 43.35 -19.70
CA SER A 190 4.24 44.45 -19.22
C SER A 190 4.83 44.16 -17.85
N GLU A 191 4.01 43.62 -16.95
CA GLU A 191 4.49 43.31 -15.60
C GLU A 191 5.57 42.23 -15.64
N LEU A 192 5.32 41.15 -16.39
CA LEU A 192 6.34 40.12 -16.55
C LEU A 192 7.60 40.70 -17.18
N SER A 193 7.42 41.62 -18.13
CA SER A 193 8.56 42.20 -18.83
C SER A 193 9.42 43.03 -17.89
N GLU A 194 8.79 43.81 -17.03
CA GLU A 194 9.54 44.61 -16.07
C GLU A 194 10.14 43.75 -14.97
N LEU A 195 9.47 42.66 -14.59
CA LEU A 195 9.94 41.85 -13.47
C LEU A 195 11.16 41.02 -13.84
N TYR A 196 11.27 40.56 -15.09
CA TYR A 196 12.37 39.71 -15.50
C TYR A 196 13.29 40.35 -16.52
N ASP A 197 13.18 41.67 -16.72
CA ASP A 197 14.01 42.43 -17.67
C ASP A 197 14.11 41.70 -19.01
N PHE A 198 12.94 41.51 -19.63
CA PHE A 198 12.84 40.72 -20.85
C PHE A 198 11.54 41.12 -21.54
N ASP A 199 11.55 41.14 -22.87
CA ASP A 199 10.35 41.57 -23.58
C ASP A 199 9.51 40.34 -23.93
N PHE A 200 8.53 40.06 -23.08
CA PHE A 200 7.58 38.98 -23.35
C PHE A 200 6.59 39.35 -24.46
N SER A 201 6.59 40.60 -24.93
CA SER A 201 5.67 41.00 -25.98
C SER A 201 6.05 40.44 -27.35
N LYS A 202 7.33 40.11 -27.56
CA LYS A 202 7.74 39.37 -28.74
C LYS A 202 7.56 37.89 -28.43
N PRO A 203 6.64 37.18 -29.12
CA PRO A 203 6.22 35.84 -28.68
C PRO A 203 7.36 34.85 -28.45
N TYR A 204 7.12 33.87 -27.60
CA TYR A 204 8.17 32.99 -27.11
C TYR A 204 7.63 31.58 -26.92
N PHE A 205 8.56 30.66 -26.65
CA PHE A 205 8.27 29.34 -26.16
C PHE A 205 8.65 29.26 -24.69
N LEU A 206 7.78 28.68 -23.87
CA LEU A 206 8.15 28.29 -22.52
C LEU A 206 8.48 26.81 -22.54
N ILE A 207 9.61 26.45 -21.94
CA ILE A 207 10.16 25.11 -22.08
C ILE A 207 10.67 24.62 -20.73
N THR A 208 10.02 23.59 -20.19
CA THR A 208 10.48 22.89 -19.01
C THR A 208 10.75 21.44 -19.42
N TYR A 209 12.03 21.06 -19.43
CA TYR A 209 12.44 19.71 -19.76
C TYR A 209 13.09 19.09 -18.53
N HIS A 210 12.61 17.92 -18.12
CA HIS A 210 13.15 17.30 -16.92
C HIS A 210 14.02 16.10 -17.26
N PRO A 211 15.07 15.85 -16.47
CA PRO A 211 16.03 14.80 -16.82
C PRO A 211 15.40 13.42 -16.68
N GLU A 212 15.34 12.68 -17.79
CA GLU A 212 14.82 11.31 -17.78
C GLU A 212 15.89 10.31 -17.38
N ASN A 219 21.38 11.89 -23.92
CA ASN A 219 21.88 13.18 -24.40
C ASN A 219 20.73 13.97 -25.04
N VAL A 220 20.47 15.14 -24.45
CA VAL A 220 19.32 15.97 -24.83
C VAL A 220 19.67 16.83 -26.04
N ALA A 221 20.81 16.54 -26.68
CA ALA A 221 21.22 17.29 -27.86
C ALA A 221 20.12 17.50 -28.89
N PRO A 222 19.40 16.45 -29.39
CA PRO A 222 18.42 16.69 -30.45
C PRO A 222 17.23 17.54 -30.02
N LEU A 223 17.29 18.09 -28.80
CA LEU A 223 16.38 19.13 -28.37
C LEU A 223 16.97 20.51 -28.59
N PHE A 224 18.18 20.75 -28.09
CA PHE A 224 18.79 22.07 -28.17
C PHE A 224 19.37 22.35 -29.54
N ASP A 225 19.61 21.33 -30.35
CA ASP A 225 19.85 21.53 -31.76
C ASP A 225 18.55 21.70 -32.53
N ALA A 226 17.43 21.31 -31.93
CA ALA A 226 16.12 21.41 -32.58
C ALA A 226 15.48 22.77 -32.43
N LEU A 227 15.93 23.58 -31.46
CA LEU A 227 15.41 24.93 -31.28
C LEU A 227 16.24 25.99 -31.99
N LYS A 228 17.55 25.76 -32.16
CA LYS A 228 18.39 26.71 -32.91
C LYS A 228 17.85 26.94 -34.31
N GLN A 229 17.24 25.92 -34.91
CA GLN A 229 16.70 26.06 -36.27
C GLN A 229 15.54 27.04 -36.30
N ILE A 230 14.63 26.95 -35.31
CA ILE A 230 13.43 27.76 -35.27
C ILE A 230 13.81 29.24 -35.22
N ASN A 231 13.60 29.93 -36.33
CA ASN A 231 13.94 31.34 -36.42
C ASN A 231 12.92 32.19 -35.68
N ASP A 232 13.40 33.27 -35.06
CA ASP A 232 12.55 34.40 -34.64
C ASP A 232 11.62 34.01 -33.49
N VAL A 233 12.12 33.24 -32.53
CA VAL A 233 11.39 32.94 -31.31
C VAL A 233 12.37 33.08 -30.14
N ASN A 234 11.88 33.60 -29.02
CA ASN A 234 12.64 33.60 -27.78
C ASN A 234 12.24 32.40 -26.95
N PHE A 235 13.15 31.99 -26.07
CA PHE A 235 12.96 30.77 -25.27
C PHE A 235 13.10 31.10 -23.80
N ILE A 236 12.00 30.96 -23.06
CA ILE A 236 12.00 31.13 -21.61
C ILE A 236 12.01 29.74 -20.99
N PHE A 237 13.05 29.44 -20.21
CA PHE A 237 13.18 28.17 -19.53
C PHE A 237 12.90 28.33 -18.04
N SER A 238 12.32 27.29 -17.45
CA SER A 238 12.37 27.12 -16.01
C SER A 238 13.51 26.15 -15.69
N TYR A 239 13.77 25.94 -14.41
CA TYR A 239 14.87 25.01 -14.16
C TYR A 239 14.34 23.58 -14.02
N PRO A 240 15.03 22.58 -14.58
CA PRO A 240 14.67 21.18 -14.35
C PRO A 240 15.01 20.72 -12.94
N ASN A 246 21.20 17.13 -13.36
CA ASN A 246 20.71 18.42 -13.84
C ASN A 246 21.77 19.12 -14.66
N THR A 247 23.04 19.00 -14.24
CA THR A 247 24.14 19.61 -14.98
C THR A 247 24.14 19.14 -16.43
N ASN A 248 23.62 17.95 -16.70
CA ASN A 248 23.53 17.46 -18.07
C ASN A 248 22.67 18.37 -18.94
N ILE A 249 21.55 18.85 -18.40
CA ILE A 249 20.66 19.73 -19.13
C ILE A 249 20.87 21.20 -18.75
N VAL A 250 21.19 21.49 -17.48
CA VAL A 250 21.50 22.87 -17.08
C VAL A 250 22.70 23.39 -17.88
N LYS A 251 23.73 22.56 -18.03
CA LYS A 251 24.87 22.93 -18.86
C LYS A 251 24.42 23.26 -20.29
N ALA A 252 23.53 22.45 -20.85
CA ALA A 252 23.02 22.71 -22.19
C ALA A 252 22.33 24.07 -22.25
N MET A 253 21.26 24.25 -21.46
CA MET A 253 20.53 25.51 -21.35
C MET A 253 21.47 26.70 -21.24
N LEU A 254 22.52 26.58 -20.44
CA LEU A 254 23.48 27.67 -20.29
C LEU A 254 24.30 27.90 -21.56
N ASP A 255 24.71 26.81 -22.22
CA ASP A 255 25.40 26.94 -23.51
C ASP A 255 24.55 27.72 -24.51
N LEU A 256 23.27 27.36 -24.61
CA LEU A 256 22.36 28.07 -25.50
C LEU A 256 22.16 29.52 -25.06
N LYS A 257 22.20 29.79 -23.76
CA LYS A 257 22.15 31.17 -23.28
C LYS A 257 23.34 31.96 -23.80
N ALA A 258 24.56 31.48 -23.55
CA ALA A 258 25.75 32.22 -23.97
C ALA A 258 25.84 32.37 -25.49
N GLN A 259 25.34 31.40 -26.24
CA GLN A 259 25.37 31.54 -27.70
C GLN A 259 24.44 32.65 -28.18
N LEU A 260 23.29 32.80 -27.54
CA LEU A 260 22.28 33.82 -27.90
C LEU A 260 21.94 34.60 -26.64
N PRO A 261 22.79 35.55 -26.25
CA PRO A 261 22.68 36.11 -24.89
C PRO A 261 21.39 36.85 -24.63
N ASP A 262 20.72 37.36 -25.66
CA ASP A 262 19.49 38.12 -25.46
C ASP A 262 18.25 37.24 -25.59
N ARG A 263 18.05 36.60 -26.76
CA ARG A 263 16.75 36.01 -27.07
C ARG A 263 16.46 34.69 -26.33
N VAL A 264 17.07 34.45 -25.16
CA VAL A 264 16.72 33.34 -24.28
C VAL A 264 16.83 33.83 -22.84
N LEU A 265 15.83 33.51 -22.02
CA LEU A 265 15.83 33.85 -20.60
C LEU A 265 15.65 32.59 -19.77
N LEU A 266 16.62 32.32 -18.90
CA LEU A 266 16.53 31.26 -17.91
C LEU A 266 16.14 31.88 -16.57
N VAL A 267 15.10 31.34 -15.95
CA VAL A 267 14.60 31.83 -14.66
C VAL A 267 14.81 30.75 -13.61
N LYS A 268 15.34 31.15 -12.46
CA LYS A 268 15.62 30.22 -11.36
C LYS A 268 14.34 29.61 -10.82
N SER A 269 13.53 30.40 -10.12
CA SER A 269 12.26 29.94 -9.56
C SER A 269 11.18 30.93 -9.95
N PHE A 270 10.24 30.50 -10.78
CA PHE A 270 9.16 31.37 -11.22
C PHE A 270 8.20 31.67 -10.07
N GLY A 271 7.73 30.63 -9.38
CA GLY A 271 6.54 30.82 -8.57
C GLY A 271 5.29 30.60 -9.40
N ILE A 272 4.26 30.02 -8.75
CA ILE A 272 3.11 29.51 -9.49
C ILE A 272 2.43 30.61 -10.29
N GLN A 273 2.29 31.81 -9.69
CA GLN A 273 1.60 32.90 -10.38
C GLN A 273 2.38 33.35 -11.61
N ASN A 274 3.65 33.71 -11.42
CA ASN A 274 4.46 34.14 -12.55
C ASN A 274 4.58 33.05 -13.59
N TYR A 275 4.73 31.80 -13.14
CA TYR A 275 4.88 30.68 -14.07
C TYR A 275 3.65 30.53 -14.96
N LEU A 276 2.46 30.59 -14.36
CA LEU A 276 1.26 30.48 -15.18
C LEU A 276 1.06 31.71 -16.04
N SER A 277 1.59 32.86 -15.61
CA SER A 277 1.50 34.06 -16.43
C SER A 277 2.39 33.94 -17.67
N VAL A 278 3.60 33.42 -17.53
CA VAL A 278 4.47 33.27 -18.69
C VAL A 278 3.98 32.14 -19.58
N LEU A 279 3.44 31.08 -18.97
CA LEU A 279 2.89 29.97 -19.76
C LEU A 279 1.65 30.41 -20.52
N LYS A 280 0.88 31.34 -19.95
CA LYS A 280 -0.34 31.81 -20.59
C LYS A 280 -0.06 32.47 -21.93
N ASN A 281 0.95 33.34 -21.97
CA ASN A 281 1.26 34.12 -23.17
C ASN A 281 2.37 33.48 -23.99
N ALA A 282 2.27 32.18 -24.25
CA ALA A 282 3.28 31.46 -25.01
C ALA A 282 2.65 30.77 -26.21
N LEU A 283 3.47 30.52 -27.23
CA LEU A 283 2.99 29.79 -28.40
C LEU A 283 2.81 28.31 -28.09
N ALA A 284 3.73 27.73 -27.33
CA ALA A 284 3.62 26.33 -26.96
C ALA A 284 4.51 26.05 -25.74
N MET A 285 4.02 25.19 -24.86
CA MET A 285 4.84 24.61 -23.80
C MET A 285 5.62 23.44 -24.38
N VAL A 286 6.94 23.52 -24.32
CA VAL A 286 7.83 22.52 -24.90
C VAL A 286 8.46 21.73 -23.75
N GLY A 287 8.58 20.42 -23.94
CA GLY A 287 9.29 19.64 -22.95
C GLY A 287 8.50 18.42 -22.54
N ASN A 288 8.82 17.91 -21.35
CA ASN A 288 8.19 16.70 -20.84
C ASN A 288 7.76 16.87 -19.39
N SER A 289 7.36 18.07 -19.01
CA SER A 289 6.88 18.31 -17.66
C SER A 289 5.39 17.97 -17.55
N SER A 290 4.90 17.85 -16.32
CA SER A 290 3.47 17.62 -16.12
C SER A 290 2.65 18.87 -16.42
N SER A 291 3.25 20.05 -16.29
CA SER A 291 2.56 21.26 -16.73
C SER A 291 2.05 21.12 -18.16
N GLY A 292 2.80 20.38 -19.00
CA GLY A 292 2.42 20.30 -20.39
C GLY A 292 1.16 19.50 -20.61
N LEU A 293 0.79 18.63 -19.67
CA LEU A 293 -0.36 17.77 -19.86
C LEU A 293 -1.54 18.10 -18.95
N SER A 294 -1.56 19.31 -18.38
CA SER A 294 -2.74 19.74 -17.63
C SER A 294 -2.89 21.26 -17.68
N GLU A 295 -1.83 22.00 -17.32
CA GLU A 295 -1.93 23.45 -17.23
C GLU A 295 -1.90 24.11 -18.61
N ALA A 296 -1.03 23.65 -19.50
CA ALA A 296 -1.03 24.18 -20.86
C ALA A 296 -2.36 23.94 -21.58
N PRO A 297 -2.98 22.76 -21.52
CA PRO A 297 -4.33 22.63 -22.10
C PRO A 297 -5.34 23.61 -21.51
N ALA A 298 -5.34 23.77 -20.18
CA ALA A 298 -6.31 24.66 -19.55
C ALA A 298 -6.04 26.12 -19.89
N LEU A 299 -4.86 26.44 -20.38
CA LEU A 299 -4.50 27.80 -20.78
C LEU A 299 -4.33 27.94 -22.28
N GLN A 300 -5.09 27.14 -23.05
CA GLN A 300 -5.19 27.21 -24.51
C GLN A 300 -3.85 27.20 -25.24
N VAL A 301 -2.75 26.96 -24.53
CA VAL A 301 -1.42 26.99 -25.13
C VAL A 301 -1.05 25.57 -25.54
N PRO A 302 -0.75 25.32 -26.82
CA PRO A 302 -0.42 23.96 -27.26
C PRO A 302 0.80 23.40 -26.54
N THR A 303 0.92 22.08 -26.57
CA THR A 303 2.00 21.37 -25.90
C THR A 303 2.73 20.49 -26.89
N VAL A 304 4.06 20.54 -26.86
CA VAL A 304 4.87 19.52 -27.52
C VAL A 304 5.62 18.76 -26.42
N ASN A 305 5.16 17.54 -26.17
CA ASN A 305 5.71 16.68 -25.14
C ASN A 305 6.78 15.79 -25.75
N ILE A 306 7.92 15.70 -25.09
CA ILE A 306 9.11 15.08 -25.63
C ILE A 306 9.37 13.78 -24.88
N GLY A 307 9.68 12.73 -25.62
CA GLY A 307 9.92 11.45 -24.98
C GLY A 307 8.67 10.93 -24.30
N ASP A 308 8.88 10.18 -23.22
CA ASP A 308 7.78 9.49 -22.54
C ASP A 308 7.80 9.68 -21.03
N ARG A 309 8.43 10.74 -20.52
CA ARG A 309 8.38 10.98 -19.09
C ARG A 309 6.94 11.16 -18.61
N GLN A 310 6.07 11.63 -19.50
CA GLN A 310 4.65 11.78 -19.21
C GLN A 310 3.80 10.69 -19.85
N LYS A 311 4.39 9.54 -20.15
CA LYS A 311 3.66 8.45 -20.78
C LYS A 311 2.59 7.91 -19.83
N GLY A 312 1.39 7.71 -20.36
CA GLY A 312 0.27 7.18 -19.62
C GLY A 312 -0.79 8.21 -19.29
N ARG A 313 -0.41 9.48 -19.20
CA ARG A 313 -1.38 10.52 -18.93
C ARG A 313 -2.36 10.67 -20.10
N LEU A 314 -3.59 11.04 -19.78
CA LEU A 314 -4.60 11.20 -20.81
C LEU A 314 -4.25 12.34 -21.76
N ARG A 315 -4.67 12.20 -23.01
CA ARG A 315 -4.39 13.17 -24.06
C ARG A 315 -5.67 13.92 -24.42
N CYS A 316 -5.49 14.99 -25.20
CA CYS A 316 -6.59 15.78 -25.73
C CYS A 316 -6.11 16.46 -27.01
N GLU A 317 -6.95 17.34 -27.56
CA GLU A 317 -6.64 17.99 -28.84
C GLU A 317 -5.26 18.63 -28.83
N SER A 318 -4.93 19.35 -27.77
CA SER A 318 -3.81 20.28 -27.74
C SER A 318 -2.43 19.63 -27.68
N ILE A 319 -2.35 18.31 -27.46
CA ILE A 319 -1.10 17.66 -27.12
C ILE A 319 -0.45 17.10 -28.39
N LEU A 320 0.82 17.44 -28.59
CA LEU A 320 1.62 16.99 -29.73
C LEU A 320 2.84 16.25 -29.18
N ASP A 321 2.72 14.94 -29.04
CA ASP A 321 3.83 14.12 -28.55
C ASP A 321 4.77 13.78 -29.69
N VAL A 322 6.06 13.99 -29.48
CA VAL A 322 7.08 13.63 -30.46
C VAL A 322 8.27 13.03 -29.71
N ARG A 323 8.93 12.06 -30.34
CA ARG A 323 10.09 11.40 -29.77
C ARG A 323 11.25 12.39 -29.59
N LEU A 324 12.26 11.94 -28.84
CA LEU A 324 13.45 12.75 -28.59
C LEU A 324 14.43 12.58 -29.76
N ASP A 325 14.14 13.30 -30.84
CA ASP A 325 15.09 13.51 -31.91
C ASP A 325 14.83 14.87 -32.54
N GLU A 326 15.80 15.34 -33.32
CA GLU A 326 15.84 16.73 -33.75
C GLU A 326 14.67 17.07 -34.67
N ASN A 327 14.57 16.37 -35.81
CA ASN A 327 13.65 16.76 -36.88
C ASN A 327 12.19 16.72 -36.41
N GLU A 328 11.78 15.59 -35.82
CA GLU A 328 10.41 15.45 -35.35
C GLU A 328 10.02 16.53 -34.34
N ILE A 329 10.98 17.10 -33.62
CA ILE A 329 10.71 18.24 -32.75
C ILE A 329 10.53 19.51 -33.56
N VAL A 330 11.50 19.81 -34.44
CA VAL A 330 11.46 21.08 -35.17
C VAL A 330 10.17 21.20 -35.96
N GLU A 331 9.61 20.08 -36.43
CA GLU A 331 8.30 20.13 -37.08
C GLU A 331 7.22 20.57 -36.11
N ALA A 332 7.20 19.93 -34.93
CA ALA A 332 6.13 20.19 -33.96
C ALA A 332 6.13 21.64 -33.49
N LEU A 333 7.30 22.26 -33.42
CA LEU A 333 7.34 23.65 -32.96
C LEU A 333 6.60 24.57 -33.93
N GLN A 334 6.96 24.52 -35.21
CA GLN A 334 6.26 25.35 -36.21
C GLN A 334 4.78 25.02 -36.24
N LYS A 335 4.45 23.73 -36.26
CA LYS A 335 3.04 23.33 -36.22
C LYS A 335 2.33 23.93 -35.01
N ALA A 336 3.08 24.20 -33.94
CA ALA A 336 2.53 24.89 -32.78
C ALA A 336 2.55 26.42 -32.96
N ILE A 337 3.36 26.94 -33.87
CA ILE A 337 3.26 28.34 -34.28
C ILE A 337 2.17 28.54 -35.32
N ASN A 338 1.41 27.50 -35.68
CA ASN A 338 0.39 27.60 -36.72
C ASN A 338 -1.06 27.53 -36.21
N PHE A 339 -1.29 27.74 -34.93
CA PHE A 339 -2.65 27.99 -34.45
C PHE A 339 -2.68 29.37 -33.78
N PRO A 349 -12.89 19.47 -21.38
CA PRO A 349 -11.65 19.34 -20.60
C PRO A 349 -11.75 18.22 -19.56
N PRO A 350 -11.04 17.10 -19.79
CA PRO A 350 -11.21 15.95 -18.90
C PRO A 350 -10.78 16.22 -17.46
N LEU A 351 -9.68 16.95 -17.27
CA LEU A 351 -9.19 17.27 -15.94
C LEU A 351 -9.92 18.45 -15.30
N GLY A 352 -10.90 19.02 -15.98
CA GLY A 352 -11.75 20.04 -15.39
C GLY A 352 -11.25 21.46 -15.60
N LEU A 353 -12.03 22.40 -15.06
CA LEU A 353 -11.80 23.82 -15.22
C LEU A 353 -11.11 24.47 -14.03
N GLY A 354 -11.18 23.87 -12.84
CA GLY A 354 -10.46 24.39 -11.70
C GLY A 354 -11.28 24.73 -10.48
N ASN A 355 -12.41 24.05 -10.30
CA ASN A 355 -13.19 24.15 -9.07
C ASN A 355 -13.18 22.82 -8.32
N THR A 356 -12.02 22.18 -8.29
CA THR A 356 -11.92 20.83 -7.73
C THR A 356 -11.97 20.86 -6.20
N SER A 357 -11.33 21.87 -5.59
CA SER A 357 -11.30 21.94 -4.13
C SER A 357 -12.71 21.95 -3.54
N GLN A 358 -13.60 22.76 -4.11
CA GLN A 358 -14.96 22.87 -3.56
C GLN A 358 -15.74 21.58 -3.74
N LYS A 359 -15.52 20.85 -4.84
CA LYS A 359 -16.17 19.57 -5.02
C LYS A 359 -15.69 18.57 -3.98
N ILE A 360 -14.37 18.54 -3.75
CA ILE A 360 -13.80 17.65 -2.74
C ILE A 360 -14.39 17.96 -1.37
N ILE A 361 -14.47 19.25 -1.02
CA ILE A 361 -14.97 19.61 0.30
C ILE A 361 -16.46 19.28 0.43
N GLU A 362 -17.23 19.47 -0.63
CA GLU A 362 -18.65 19.12 -0.60
C GLU A 362 -18.82 17.62 -0.37
N VAL A 363 -18.03 16.81 -1.08
CA VAL A 363 -18.11 15.36 -0.89
C VAL A 363 -17.70 14.98 0.53
N ILE A 364 -16.62 15.58 1.04
CA ILE A 364 -16.17 15.25 2.39
C ILE A 364 -17.23 15.60 3.41
N LYS A 365 -17.97 16.69 3.16
CA LYS A 365 -18.97 17.12 4.13
C LYS A 365 -20.23 16.26 4.08
N THR A 366 -20.55 15.70 2.93
CA THR A 366 -21.82 15.01 2.76
C THR A 366 -21.72 13.49 2.73
N THR A 367 -20.52 12.93 2.82
CA THR A 367 -20.33 11.49 2.67
C THR A 367 -19.77 10.88 3.96
N ASP A 368 -20.29 9.72 4.31
CA ASP A 368 -19.71 8.90 5.36
C ASP A 368 -18.71 7.95 4.73
N PHE A 369 -17.46 8.02 5.17
CA PHE A 369 -16.43 7.08 4.73
C PHE A 369 -15.51 6.73 5.89
N LYS A 370 -16.07 6.59 7.09
CA LYS A 370 -15.27 6.23 8.25
C LYS A 370 -14.65 4.84 8.09
N LYS A 371 -15.39 3.92 7.46
CA LYS A 371 -14.91 2.56 7.30
C LYS A 371 -14.69 2.23 5.83
N LYS A 372 -13.71 1.35 5.59
CA LYS A 372 -13.47 0.83 4.25
C LYS A 372 -14.71 0.07 3.76
N ALA A 373 -15.27 0.54 2.65
CA ALA A 373 -16.44 -0.10 2.07
C ALA A 373 -16.10 -1.52 1.63
N PRO A 374 -17.10 -2.40 1.51
CA PRO A 374 -16.83 -3.76 1.05
C PRO A 374 -16.20 -3.77 -0.33
N PHE A 375 -15.34 -4.76 -0.56
CA PHE A 375 -14.71 -4.94 -1.87
C PHE A 375 -15.76 -5.01 -2.96
N TYR A 376 -15.48 -4.36 -4.09
CA TYR A 376 -16.44 -4.24 -5.18
C TYR A 376 -16.02 -5.20 -6.30
N ASP A 377 -16.80 -6.27 -6.48
CA ASP A 377 -16.60 -7.20 -7.59
C ASP A 377 -17.34 -6.70 -8.82
N LEU A 378 -16.63 -6.61 -9.94
CA LEU A 378 -17.28 -6.27 -11.20
C LEU A 378 -18.23 -7.39 -11.59
N LEU A 379 -19.36 -6.99 -12.22
CA LEU A 379 -20.46 -7.79 -12.80
C LEU A 379 -21.78 -7.32 -12.23
N MET B 1 21.83 -20.91 -10.06
CA MET B 1 21.22 -21.19 -8.76
C MET B 1 20.44 -19.99 -8.24
N LYS B 2 19.12 -20.09 -8.34
CA LYS B 2 18.25 -18.98 -7.97
C LYS B 2 18.05 -18.93 -6.46
N LYS B 3 18.07 -17.72 -5.91
CA LYS B 3 17.92 -17.50 -4.47
C LYS B 3 16.46 -17.20 -4.16
N ILE B 4 15.79 -18.16 -3.53
CA ILE B 4 14.39 -18.07 -3.14
C ILE B 4 14.35 -17.78 -1.64
N ALA B 5 14.09 -16.54 -1.28
CA ALA B 5 13.93 -16.16 0.11
C ALA B 5 12.45 -16.27 0.49
N VAL B 6 12.17 -16.94 1.61
CA VAL B 6 10.83 -17.06 2.16
C VAL B 6 10.73 -16.15 3.36
N PHE B 7 9.71 -15.29 3.37
CA PHE B 7 9.44 -14.42 4.51
C PHE B 7 8.50 -15.14 5.46
N THR B 8 8.79 -15.01 6.76
CA THR B 8 7.88 -15.59 7.76
C THR B 8 7.81 -14.71 9.00
N GLY B 9 6.59 -14.35 9.37
CA GLY B 9 6.33 -13.49 10.50
C GLY B 9 5.67 -14.18 11.68
N THR B 10 4.77 -15.12 11.43
CA THR B 10 4.08 -15.84 12.49
C THR B 10 4.20 -17.35 12.30
N ARG B 11 3.92 -18.06 13.40
CA ARG B 11 3.74 -19.50 13.45
C ARG B 11 2.85 -19.95 12.28
N ALA B 12 1.66 -19.37 12.23
CA ALA B 12 0.62 -19.78 11.31
C ALA B 12 1.12 -19.86 9.88
N GLU B 13 1.59 -18.72 9.38
CA GLU B 13 2.13 -18.64 8.03
C GLU B 13 3.34 -19.55 7.84
N TYR B 14 4.16 -19.74 8.88
CA TYR B 14 5.29 -20.66 8.76
C TYR B 14 4.82 -22.08 8.49
N GLY B 15 3.88 -22.56 9.31
CA GLY B 15 3.31 -23.88 9.06
C GLY B 15 2.70 -24.00 7.67
N LEU B 16 2.02 -22.94 7.22
CA LEU B 16 1.49 -22.96 5.86
C LEU B 16 2.61 -23.07 4.83
N LEU B 17 3.74 -22.41 5.08
CA LEU B 17 4.86 -22.36 4.13
C LEU B 17 5.79 -23.55 4.21
N TYR B 18 5.58 -24.45 5.18
CA TYR B 18 6.58 -25.46 5.52
C TYR B 18 7.01 -26.26 4.31
N TRP B 19 6.06 -26.89 3.61
CA TRP B 19 6.44 -27.82 2.55
C TRP B 19 7.11 -27.11 1.37
N LEU B 20 6.73 -25.86 1.10
CA LEU B 20 7.44 -25.09 0.09
C LEU B 20 8.88 -24.84 0.52
N MET B 21 9.08 -24.43 1.77
CA MET B 21 10.44 -24.20 2.27
C MET B 21 11.27 -25.47 2.19
N ARG B 22 10.72 -26.59 2.68
CA ARG B 22 11.47 -27.84 2.70
C ARG B 22 11.77 -28.32 1.28
N ASP B 23 10.85 -28.08 0.35
CA ASP B 23 11.10 -28.51 -1.02
C ASP B 23 12.14 -27.63 -1.71
N ILE B 24 12.22 -26.34 -1.35
CA ILE B 24 13.29 -25.52 -1.89
C ILE B 24 14.64 -25.91 -1.29
N GLN B 25 14.67 -26.13 0.03
CA GLN B 25 15.89 -26.62 0.68
C GLN B 25 16.35 -27.92 0.04
N GLN B 26 15.41 -28.82 -0.24
CA GLN B 26 15.77 -30.12 -0.81
C GLN B 26 16.13 -30.00 -2.29
N ASP B 27 15.48 -29.10 -3.01
CA ASP B 27 15.79 -28.90 -4.43
C ASP B 27 17.20 -28.36 -4.58
N PRO B 28 18.11 -29.08 -5.24
CA PRO B 28 19.51 -28.62 -5.33
C PRO B 28 19.74 -27.54 -6.37
N GLU B 29 18.73 -27.16 -7.14
CA GLU B 29 18.87 -26.06 -8.09
C GLU B 29 18.38 -24.73 -7.53
N LEU B 30 17.94 -24.71 -6.27
CA LEU B 30 17.41 -23.51 -5.64
C LEU B 30 18.04 -23.36 -4.26
N GLU B 31 18.40 -22.12 -3.92
CA GLU B 31 18.99 -21.82 -2.62
C GLU B 31 17.92 -21.20 -1.72
N LEU B 32 17.57 -21.89 -0.64
CA LEU B 32 16.58 -21.37 0.28
C LEU B 32 17.19 -20.31 1.19
N GLN B 33 16.57 -19.14 1.22
CA GLN B 33 16.81 -18.14 2.25
C GLN B 33 15.56 -17.98 3.08
N ILE B 34 15.72 -17.55 4.33
CA ILE B 34 14.60 -17.31 5.23
C ILE B 34 14.80 -15.96 5.89
N LEU B 35 13.76 -15.13 5.86
CA LEU B 35 13.70 -13.89 6.63
C LEU B 35 12.60 -14.07 7.67
N ALA B 36 13.01 -14.30 8.91
CA ALA B 36 12.06 -14.49 10.01
C ALA B 36 11.96 -13.20 10.82
N THR B 37 10.76 -12.93 11.33
CA THR B 37 10.55 -11.66 12.01
C THR B 37 9.26 -11.73 12.84
N ALA B 38 8.93 -10.61 13.46
CA ALA B 38 7.64 -10.34 14.14
C ALA B 38 7.40 -11.38 15.24
N MET B 39 6.27 -12.08 15.22
CA MET B 39 5.86 -12.94 16.33
C MET B 39 6.84 -14.07 16.60
N HIS B 40 7.68 -14.42 15.63
CA HIS B 40 8.68 -15.45 15.87
C HIS B 40 9.65 -15.07 16.98
N TYR B 41 9.77 -13.79 17.33
CA TYR B 41 10.76 -13.40 18.34
C TYR B 41 10.16 -12.80 19.59
N SER B 42 8.84 -12.79 19.71
CA SER B 42 8.17 -12.30 20.91
C SER B 42 7.95 -13.46 21.89
N PRO B 43 8.39 -13.32 23.14
CA PRO B 43 8.04 -14.35 24.15
C PRO B 43 6.54 -14.48 24.37
N GLU B 44 5.78 -13.42 24.10
CA GLU B 44 4.33 -13.48 24.26
C GLU B 44 3.65 -14.35 23.22
N HIS B 45 4.37 -14.78 22.18
CA HIS B 45 3.80 -15.64 21.15
C HIS B 45 4.57 -16.93 20.98
N GLY B 46 5.53 -17.22 21.86
CA GLY B 46 6.16 -18.53 21.93
C GLY B 46 7.61 -18.60 21.52
N GLU B 47 8.19 -17.51 20.99
CA GLU B 47 9.55 -17.53 20.44
C GLU B 47 9.68 -18.63 19.38
N THR B 48 8.72 -18.65 18.45
CA THR B 48 8.57 -19.75 17.51
C THR B 48 9.68 -19.82 16.47
N TRP B 49 10.65 -18.90 16.48
CA TRP B 49 11.83 -19.09 15.63
C TRP B 49 12.55 -20.38 16.00
N LYS B 50 12.50 -20.75 17.28
CA LYS B 50 13.09 -22.01 17.72
C LYS B 50 12.52 -23.19 16.94
N THR B 51 11.21 -23.17 16.69
CA THR B 51 10.59 -24.21 15.88
C THR B 51 11.18 -24.24 14.47
N ILE B 52 11.40 -23.06 13.89
CA ILE B 52 12.00 -22.99 12.55
C ILE B 52 13.35 -23.68 12.55
N VAL B 53 14.21 -23.35 13.53
CA VAL B 53 15.55 -23.91 13.54
C VAL B 53 15.51 -25.41 13.84
N LYS B 54 14.68 -25.84 14.78
CA LYS B 54 14.57 -27.25 15.13
C LYS B 54 14.01 -28.09 14.00
N ASP B 55 13.26 -27.49 13.08
CA ASP B 55 12.80 -28.22 11.89
C ASP B 55 13.89 -28.42 10.85
N GLY B 56 15.12 -27.97 11.11
CA GLY B 56 16.22 -28.15 10.19
C GLY B 56 16.45 -27.04 9.19
N PHE B 57 15.83 -25.88 9.40
CA PHE B 57 15.99 -24.73 8.52
C PHE B 57 17.00 -23.74 9.12
N GLU B 58 17.66 -22.99 8.25
CA GLU B 58 18.61 -21.96 8.66
C GLU B 58 17.97 -20.59 8.45
N ILE B 59 17.90 -19.81 9.53
CA ILE B 59 17.34 -18.46 9.47
C ILE B 59 18.44 -17.53 8.96
N THR B 60 18.38 -17.22 7.66
CA THR B 60 19.40 -16.36 7.05
C THR B 60 19.44 -14.99 7.73
N GLU B 61 18.28 -14.33 7.88
CA GLU B 61 18.21 -13.02 8.49
C GLU B 61 17.04 -12.97 9.46
N SER B 62 17.27 -12.42 10.64
CA SER B 62 16.23 -12.24 11.64
C SER B 62 16.11 -10.76 11.97
N VAL B 63 14.87 -10.30 12.16
CA VAL B 63 14.59 -8.91 12.49
C VAL B 63 13.53 -8.91 13.59
N GLU B 64 13.94 -8.58 14.81
CA GLU B 64 12.96 -8.31 15.85
C GLU B 64 12.31 -6.96 15.57
N MET B 65 10.99 -6.86 15.76
CA MET B 65 10.31 -5.63 15.41
C MET B 65 9.13 -5.27 16.31
N LEU B 66 8.51 -6.26 16.95
CA LEU B 66 7.24 -6.03 17.64
C LEU B 66 7.45 -5.22 18.91
N LEU B 67 6.83 -4.04 18.98
CA LEU B 67 6.75 -3.30 20.23
C LEU B 67 5.74 -3.95 21.16
N SER B 68 6.01 -3.88 22.47
CA SER B 68 5.16 -4.56 23.43
C SER B 68 3.85 -3.82 23.68
N SER B 69 3.83 -2.49 23.53
CA SER B 69 2.61 -1.72 23.78
C SER B 69 1.48 -2.16 22.87
N ASP B 70 0.31 -2.41 23.47
CA ASP B 70 -0.82 -2.99 22.72
C ASP B 70 -1.74 -1.88 22.22
N THR B 71 -1.22 -1.10 21.27
CA THR B 71 -1.97 -0.03 20.62
C THR B 71 -1.74 -0.09 19.12
N SER B 72 -2.57 0.65 18.38
CA SER B 72 -2.40 0.72 16.93
C SER B 72 -1.18 1.57 16.55
N SER B 73 -0.89 2.60 17.34
CA SER B 73 0.30 3.40 17.08
C SER B 73 1.57 2.57 17.30
N ALA B 74 1.52 1.65 18.28
CA ALA B 74 2.65 0.76 18.48
C ALA B 74 2.77 -0.25 17.34
N VAL B 75 1.66 -0.64 16.72
CA VAL B 75 1.74 -1.51 15.56
C VAL B 75 2.43 -0.79 14.41
N VAL B 76 2.04 0.48 14.17
CA VAL B 76 2.71 1.27 13.14
C VAL B 76 4.21 1.37 13.43
N LYS B 77 4.56 1.64 14.69
CA LYS B 77 5.97 1.73 15.05
C LYS B 77 6.69 0.40 14.82
N SER B 78 6.01 -0.72 15.11
CA SER B 78 6.60 -2.03 14.85
C SER B 78 6.87 -2.21 13.36
N MET B 79 5.96 -1.74 12.51
CA MET B 79 6.19 -1.81 11.07
C MET B 79 7.39 -0.98 10.67
N GLY B 80 7.57 0.20 11.29
CA GLY B 80 8.73 1.02 10.95
C GLY B 80 10.04 0.36 11.35
N VAL B 81 10.09 -0.20 12.55
CA VAL B 81 11.25 -0.98 12.98
C VAL B 81 11.51 -2.13 12.00
N GLY B 82 10.44 -2.80 11.57
CA GLY B 82 10.54 -3.82 10.55
C GLY B 82 11.22 -3.31 9.30
N LEU B 83 10.72 -2.21 8.72
CA LEU B 83 11.32 -1.65 7.51
C LEU B 83 12.80 -1.35 7.72
N LEU B 84 13.15 -0.73 8.85
CA LEU B 84 14.54 -0.40 9.10
C LEU B 84 15.41 -1.65 9.16
N GLY B 85 14.87 -2.77 9.65
CA GLY B 85 15.65 -4.00 9.64
C GLY B 85 15.70 -4.70 8.28
N PHE B 86 14.55 -4.71 7.59
CA PHE B 86 14.46 -5.34 6.29
C PHE B 86 15.35 -4.67 5.27
N ALA B 87 15.60 -3.37 5.43
CA ALA B 87 16.54 -2.69 4.54
C ALA B 87 17.89 -3.39 4.50
N ASP B 88 18.47 -3.64 5.68
CA ASP B 88 19.78 -4.28 5.74
C ASP B 88 19.70 -5.77 5.46
N ALA B 89 18.62 -6.42 5.94
CA ALA B 89 18.47 -7.86 5.70
C ALA B 89 18.39 -8.16 4.21
N LEU B 90 17.50 -7.47 3.50
CA LEU B 90 17.40 -7.65 2.05
C LEU B 90 18.65 -7.16 1.36
N LYS B 91 19.31 -6.12 1.88
CA LYS B 91 20.58 -5.70 1.30
C LYS B 91 21.58 -6.85 1.25
N ARG B 92 21.72 -7.59 2.37
CA ARG B 92 22.68 -8.68 2.39
C ARG B 92 22.19 -9.91 1.64
N MET B 93 20.92 -10.29 1.81
CA MET B 93 20.43 -11.54 1.23
C MET B 93 20.54 -11.53 -0.29
N GLN B 94 20.25 -10.39 -0.91
CA GLN B 94 20.17 -10.26 -2.36
C GLN B 94 19.33 -11.39 -2.98
N PRO B 95 18.11 -11.61 -2.48
CA PRO B 95 17.31 -12.72 -3.00
C PRO B 95 16.97 -12.50 -4.47
N ASP B 96 16.81 -13.60 -5.20
CA ASP B 96 16.26 -13.51 -6.54
C ASP B 96 14.74 -13.39 -6.49
N VAL B 97 14.11 -13.92 -5.44
CA VAL B 97 12.68 -13.71 -5.24
C VAL B 97 12.39 -13.77 -3.74
N LEU B 98 11.38 -13.02 -3.32
CA LEU B 98 10.87 -13.09 -1.96
C LEU B 98 9.45 -13.64 -2.00
N VAL B 99 9.20 -14.67 -1.20
CA VAL B 99 7.91 -15.32 -1.08
C VAL B 99 7.22 -14.77 0.15
N VAL B 100 6.07 -14.14 -0.06
CA VAL B 100 5.30 -13.51 1.01
C VAL B 100 3.91 -14.12 1.02
N LEU B 101 3.49 -14.62 2.18
CA LEU B 101 2.19 -15.27 2.32
C LEU B 101 1.29 -14.38 3.16
N GLY B 102 0.13 -14.03 2.61
CA GLY B 102 -0.93 -13.50 3.43
C GLY B 102 -1.11 -12.00 3.45
N ASP B 103 -1.43 -11.49 4.64
CA ASP B 103 -2.08 -10.20 4.73
C ASP B 103 -1.80 -9.46 6.04
N ARG B 104 -0.77 -9.83 6.78
CA ARG B 104 -0.48 -9.20 8.07
C ARG B 104 0.38 -7.95 7.87
N PHE B 105 0.47 -7.13 8.93
CA PHE B 105 1.14 -5.84 8.78
C PHE B 105 2.65 -5.99 8.55
N GLU B 106 3.28 -7.01 9.15
CA GLU B 106 4.70 -7.22 8.85
C GLU B 106 4.91 -7.65 7.41
N ALA B 107 3.95 -8.38 6.83
CA ALA B 107 4.06 -8.76 5.43
C ALA B 107 3.93 -7.54 4.51
N LEU B 108 3.04 -6.60 4.86
CA LEU B 108 2.99 -5.35 4.12
C LEU B 108 4.34 -4.64 4.17
N ALA B 109 4.92 -4.57 5.37
CA ALA B 109 6.23 -3.94 5.53
C ALA B 109 7.28 -4.58 4.63
N VAL B 110 7.41 -5.92 4.68
CA VAL B 110 8.48 -6.53 3.90
C VAL B 110 8.17 -6.45 2.41
N THR B 111 6.88 -6.41 2.04
CA THR B 111 6.56 -6.36 0.62
C THR B 111 6.94 -5.01 0.03
N GLN B 112 6.62 -3.92 0.73
CA GLN B 112 7.03 -2.63 0.20
C GLN B 112 8.54 -2.46 0.27
N ALA B 113 9.19 -3.05 1.28
CA ALA B 113 10.65 -3.04 1.33
C ALA B 113 11.24 -3.71 0.10
N ALA B 114 10.75 -4.91 -0.22
CA ALA B 114 11.25 -5.63 -1.38
C ALA B 114 10.95 -4.88 -2.68
N LEU B 115 9.75 -4.29 -2.78
CA LEU B 115 9.43 -3.51 -3.97
C LEU B 115 10.42 -2.38 -4.16
N ILE B 116 10.62 -1.57 -3.12
CA ILE B 116 11.52 -0.42 -3.22
C ILE B 116 12.95 -0.86 -3.55
N MET B 117 13.33 -2.05 -3.09
CA MET B 117 14.67 -2.56 -3.37
C MET B 117 14.71 -3.47 -4.60
N HIS B 118 13.65 -3.46 -5.41
CA HIS B 118 13.61 -4.17 -6.70
C HIS B 118 13.82 -5.67 -6.54
N VAL B 119 13.30 -6.23 -5.45
CA VAL B 119 13.28 -7.67 -5.23
C VAL B 119 11.89 -8.17 -5.59
N PRO B 120 11.74 -9.02 -6.61
CA PRO B 120 10.41 -9.48 -7.01
C PRO B 120 9.73 -10.25 -5.89
N VAL B 121 8.43 -10.00 -5.73
CA VAL B 121 7.64 -10.64 -4.69
C VAL B 121 6.72 -11.66 -5.34
N ALA B 122 6.74 -12.87 -4.77
CA ALA B 122 5.75 -13.90 -5.06
C ALA B 122 4.77 -13.92 -3.90
N HIS B 123 3.54 -13.52 -4.16
CA HIS B 123 2.52 -13.39 -3.11
C HIS B 123 1.60 -14.59 -3.11
N LEU B 124 1.43 -15.21 -1.95
CA LEU B 124 0.54 -16.35 -1.79
C LEU B 124 -0.72 -15.92 -1.05
N HIS B 125 -1.88 -16.44 -1.53
CA HIS B 125 -3.18 -16.26 -0.89
C HIS B 125 -3.74 -14.85 -1.11
N GLY B 126 -3.48 -14.28 -2.29
CA GLY B 126 -4.15 -13.06 -2.66
C GLY B 126 -5.55 -13.30 -3.17
N GLY B 127 -6.29 -12.21 -3.35
CA GLY B 127 -7.61 -12.27 -3.96
C GLY B 127 -8.72 -12.73 -3.04
N GLU B 128 -8.44 -12.95 -1.76
CA GLU B 128 -9.44 -13.37 -0.80
C GLU B 128 -10.02 -12.13 -0.10
N ILE B 129 -11.07 -12.34 0.69
CA ILE B 129 -11.75 -11.24 1.36
C ILE B 129 -11.96 -11.60 2.84
N THR B 130 -11.55 -10.67 3.73
CA THR B 130 -11.70 -10.81 5.18
C THR B 130 -12.11 -9.43 5.70
N GLU B 131 -13.39 -9.10 5.55
CA GLU B 131 -13.84 -7.72 5.71
C GLU B 131 -13.59 -7.17 7.11
N GLY B 132 -13.59 -8.02 8.13
CA GLY B 132 -13.52 -7.52 9.50
C GLY B 132 -12.13 -7.09 9.96
N ALA B 133 -11.08 -7.40 9.20
CA ALA B 133 -9.73 -7.02 9.57
C ALA B 133 -9.16 -5.99 8.59
N TYR B 134 -8.23 -5.16 9.08
CA TYR B 134 -7.52 -4.33 8.13
C TYR B 134 -6.58 -5.14 7.26
N ASP B 135 -6.36 -6.42 7.61
CA ASP B 135 -5.67 -7.35 6.73
C ASP B 135 -6.26 -7.37 5.33
N GLU B 136 -7.53 -7.01 5.20
CA GLU B 136 -8.20 -7.00 3.90
C GLU B 136 -7.51 -6.04 2.94
N SER B 137 -7.46 -4.76 3.34
CA SER B 137 -6.81 -3.75 2.52
C SER B 137 -5.31 -4.01 2.41
N ILE B 138 -4.68 -4.49 3.49
CA ILE B 138 -3.28 -4.90 3.42
C ILE B 138 -3.07 -5.92 2.31
N ARG B 139 -3.95 -6.93 2.25
CA ARG B 139 -3.82 -7.99 1.26
C ARG B 139 -3.87 -7.44 -0.15
N HIS B 140 -4.85 -6.57 -0.44
CA HIS B 140 -4.90 -6.03 -1.80
C HIS B 140 -3.73 -5.10 -2.10
N ALA B 141 -3.25 -4.36 -1.09
CA ALA B 141 -2.04 -3.54 -1.28
C ALA B 141 -0.83 -4.41 -1.61
N ILE B 142 -0.70 -5.55 -0.91
CA ILE B 142 0.41 -6.45 -1.17
C ILE B 142 0.29 -7.03 -2.58
N THR B 143 -0.93 -7.35 -3.00
CA THR B 143 -1.12 -7.80 -4.37
C THR B 143 -0.61 -6.76 -5.36
N LYS B 144 -0.97 -5.49 -5.13
CA LYS B 144 -0.52 -4.47 -6.07
C LYS B 144 0.99 -4.26 -6.07
N MET B 145 1.70 -4.65 -5.01
CA MET B 145 3.14 -4.46 -4.95
C MET B 145 3.91 -5.74 -5.26
N SER B 146 3.23 -6.81 -5.68
CA SER B 146 3.86 -8.10 -5.93
C SER B 146 3.96 -8.38 -7.43
N ASN B 147 4.95 -9.18 -7.79
CA ASN B 147 5.19 -9.47 -9.21
C ASN B 147 4.46 -10.72 -9.69
N ILE B 148 4.44 -11.78 -8.90
CA ILE B 148 3.73 -12.99 -9.32
C ILE B 148 2.87 -13.49 -8.17
N HIS B 149 1.72 -14.09 -8.53
CA HIS B 149 0.65 -14.36 -7.58
C HIS B 149 0.26 -15.83 -7.62
N PHE B 150 0.23 -16.47 -6.45
CA PHE B 150 -0.19 -17.85 -6.30
C PHE B 150 -1.45 -17.87 -5.44
N ALA B 151 -2.59 -18.13 -6.07
CA ALA B 151 -3.88 -18.09 -5.40
C ALA B 151 -4.33 -19.50 -5.01
N ALA B 152 -5.33 -19.56 -4.14
CA ALA B 152 -5.83 -20.82 -3.59
C ALA B 152 -7.11 -21.31 -4.25
N ALA B 153 -7.78 -20.46 -5.03
CA ALA B 153 -9.02 -20.83 -5.70
C ALA B 153 -9.23 -19.93 -6.90
N GLU B 154 -10.03 -20.42 -7.84
CA GLU B 154 -10.24 -19.68 -9.09
C GLU B 154 -10.95 -18.36 -8.84
N GLU B 155 -11.84 -18.33 -7.84
CA GLU B 155 -12.46 -17.08 -7.43
C GLU B 155 -11.42 -16.06 -7.01
N TYR B 156 -10.44 -16.51 -6.23
CA TYR B 156 -9.39 -15.60 -5.75
C TYR B 156 -8.49 -15.15 -6.89
N LYS B 157 -8.05 -16.08 -7.75
CA LYS B 157 -7.29 -15.71 -8.94
C LYS B 157 -8.03 -14.65 -9.76
N LYS B 158 -9.34 -14.85 -9.95
CA LYS B 158 -10.14 -13.88 -10.70
C LYS B 158 -10.14 -12.52 -10.02
N ARG B 159 -10.25 -12.48 -8.69
CA ARG B 159 -10.18 -11.19 -8.01
C ARG B 159 -8.81 -10.54 -8.16
N ILE B 160 -7.73 -11.35 -8.18
CA ILE B 160 -6.40 -10.80 -8.45
C ILE B 160 -6.35 -10.16 -9.82
N ILE B 161 -6.99 -10.79 -10.81
CA ILE B 161 -6.97 -10.23 -12.16
C ILE B 161 -7.80 -8.95 -12.20
N GLN B 162 -8.92 -8.90 -11.49
CA GLN B 162 -9.68 -7.65 -11.45
C GLN B 162 -8.84 -6.53 -10.84
N LEU B 163 -7.93 -6.87 -9.93
CA LEU B 163 -7.06 -5.91 -9.26
C LEU B 163 -6.03 -5.35 -10.23
N GLY B 164 -6.08 -5.77 -11.48
CA GLY B 164 -5.20 -5.20 -12.47
C GLY B 164 -3.91 -5.94 -12.68
N GLU B 165 -3.81 -7.18 -12.22
CA GLU B 165 -2.62 -8.00 -12.44
C GLU B 165 -2.75 -8.78 -13.74
N GLN B 166 -1.63 -8.98 -14.42
CA GLN B 166 -1.67 -9.67 -15.71
C GLN B 166 -2.09 -11.12 -15.52
N PRO B 167 -2.97 -11.64 -16.39
CA PRO B 167 -3.42 -13.04 -16.24
C PRO B 167 -2.28 -14.06 -16.18
N GLU B 168 -1.23 -13.91 -16.98
CA GLU B 168 -0.16 -14.91 -16.98
C GLU B 168 0.72 -14.84 -15.73
N ARG B 169 0.42 -13.95 -14.79
CA ARG B 169 1.15 -13.91 -13.53
C ARG B 169 0.29 -14.33 -12.34
N VAL B 170 -0.97 -14.68 -12.58
CA VAL B 170 -1.87 -15.15 -11.54
C VAL B 170 -2.11 -16.64 -11.76
N PHE B 171 -1.83 -17.46 -10.74
CA PHE B 171 -1.89 -18.91 -10.85
C PHE B 171 -2.77 -19.46 -9.74
N ASN B 172 -3.71 -20.32 -10.09
CA ASN B 172 -4.53 -21.04 -9.11
C ASN B 172 -3.85 -22.38 -8.83
N VAL B 173 -3.15 -22.47 -7.70
CA VAL B 173 -2.42 -23.67 -7.34
C VAL B 173 -2.93 -24.31 -6.05
N GLY B 174 -4.00 -23.78 -5.46
CA GLY B 174 -4.53 -24.31 -4.22
C GLY B 174 -3.85 -23.73 -2.98
N ALA B 175 -4.35 -24.15 -1.83
CA ALA B 175 -3.80 -23.70 -0.55
C ALA B 175 -2.58 -24.55 -0.21
N LEU B 176 -1.45 -23.89 0.04
CA LEU B 176 -0.19 -24.60 0.29
C LEU B 176 -0.24 -25.38 1.60
N GLY B 177 -0.92 -24.84 2.61
CA GLY B 177 -0.97 -25.50 3.91
C GLY B 177 -1.62 -26.87 3.85
N LEU B 178 -2.62 -27.04 2.98
CA LEU B 178 -3.31 -28.31 2.87
C LEU B 178 -2.43 -29.45 2.37
N ASP B 179 -1.22 -29.13 1.86
CA ASP B 179 -0.26 -30.19 1.55
C ASP B 179 0.05 -31.02 2.79
N HIS B 180 -0.01 -30.38 3.97
CA HIS B 180 0.17 -31.11 5.22
C HIS B 180 -0.79 -32.29 5.36
N ILE B 181 -1.94 -32.25 4.69
CA ILE B 181 -2.87 -33.37 4.77
C ILE B 181 -2.23 -34.65 4.25
N GLN B 182 -1.44 -34.55 3.18
CA GLN B 182 -0.85 -35.74 2.57
C GLN B 182 0.55 -36.04 3.06
N ARG B 183 1.35 -35.02 3.38
CA ARG B 183 2.77 -35.21 3.61
C ARG B 183 3.16 -35.17 5.09
N THR B 184 2.27 -34.76 5.98
CA THR B 184 2.58 -34.65 7.40
C THR B 184 1.82 -35.70 8.17
N THR B 185 2.53 -36.49 8.97
CA THR B 185 1.91 -37.50 9.81
C THR B 185 1.39 -36.85 11.08
N PHE B 186 0.18 -37.23 11.48
CA PHE B 186 -0.50 -36.63 12.62
C PHE B 186 -0.14 -37.39 13.89
N LYS B 187 -0.05 -36.63 14.99
CA LYS B 187 0.12 -37.23 16.30
C LYS B 187 -1.19 -37.86 16.76
N SER B 188 -1.09 -38.86 17.64
CA SER B 188 -2.27 -39.52 18.15
C SER B 188 -2.69 -38.90 19.50
N ILE B 189 -3.89 -39.28 19.94
CA ILE B 189 -4.44 -38.73 21.18
C ILE B 189 -3.53 -39.05 22.36
N SER B 190 -2.91 -40.23 22.36
CA SER B 190 -2.01 -40.59 23.46
C SER B 190 -0.76 -39.72 23.46
N GLU B 191 -0.15 -39.53 22.28
CA GLU B 191 1.07 -38.73 22.22
C GLU B 191 0.78 -37.26 22.51
N LEU B 192 -0.35 -36.75 22.06
CA LEU B 192 -0.74 -35.38 22.42
C LEU B 192 -0.97 -35.27 23.92
N SER B 193 -1.55 -36.30 24.52
CA SER B 193 -1.84 -36.26 25.95
C SER B 193 -0.57 -36.29 26.78
N GLU B 194 0.38 -37.17 26.42
CA GLU B 194 1.67 -37.16 27.12
C GLU B 194 2.44 -35.88 26.83
N LEU B 195 2.29 -35.32 25.63
CA LEU B 195 3.09 -34.18 25.24
C LEU B 195 2.61 -32.89 25.91
N TYR B 196 1.32 -32.77 26.16
CA TYR B 196 0.78 -31.58 26.81
C TYR B 196 0.28 -31.82 28.22
N ASP B 197 0.43 -33.04 28.75
CA ASP B 197 -0.05 -33.40 30.07
C ASP B 197 -1.51 -32.96 30.26
N PHE B 198 -2.35 -33.46 29.36
CA PHE B 198 -3.75 -33.09 29.29
C PHE B 198 -4.44 -34.18 28.49
N ASP B 199 -5.59 -34.64 28.95
CA ASP B 199 -6.24 -35.79 28.32
C ASP B 199 -7.03 -35.32 27.11
N PHE B 200 -6.52 -35.62 25.91
CA PHE B 200 -7.21 -35.33 24.66
C PHE B 200 -8.27 -36.36 24.32
N SER B 201 -8.45 -37.38 25.16
CA SER B 201 -9.50 -38.36 24.97
C SER B 201 -10.88 -37.83 25.34
N LYS B 202 -10.93 -36.79 26.18
CA LYS B 202 -12.20 -36.16 26.48
C LYS B 202 -12.56 -35.14 25.41
N PRO B 203 -13.84 -35.00 25.07
CA PRO B 203 -14.22 -34.10 23.98
C PRO B 203 -13.84 -32.66 24.30
N TYR B 204 -13.27 -31.98 23.30
CA TYR B 204 -12.76 -30.63 23.51
C TYR B 204 -12.99 -29.77 22.28
N PHE B 205 -13.19 -28.48 22.51
CA PHE B 205 -13.14 -27.48 21.46
C PHE B 205 -11.72 -26.96 21.33
N LEU B 206 -11.31 -26.67 20.10
CA LEU B 206 -10.07 -25.93 19.86
C LEU B 206 -10.44 -24.50 19.52
N ILE B 207 -9.96 -23.55 20.31
CA ILE B 207 -10.41 -22.16 20.24
C ILE B 207 -9.23 -21.28 19.89
N THR B 208 -9.39 -20.46 18.84
CA THR B 208 -8.42 -19.44 18.47
C THR B 208 -9.20 -18.18 18.13
N TYR B 209 -9.04 -17.12 18.92
CA TYR B 209 -9.72 -15.87 18.66
C TYR B 209 -8.71 -14.74 18.65
N HIS B 210 -8.63 -14.03 17.53
CA HIS B 210 -7.76 -12.89 17.31
C HIS B 210 -8.56 -11.60 17.30
N PRO B 211 -7.92 -10.46 17.58
CA PRO B 211 -8.65 -9.19 17.54
C PRO B 211 -9.20 -8.93 16.14
N GLU B 212 -10.50 -8.63 16.08
CA GLU B 212 -11.12 -8.17 14.85
C GLU B 212 -10.82 -6.68 14.73
N THR B 213 -9.86 -6.34 13.87
CA THR B 213 -9.25 -5.02 13.96
C THR B 213 -10.06 -3.90 13.33
N ASN B 214 -11.14 -4.20 12.61
CA ASN B 214 -12.04 -3.13 12.18
C ASN B 214 -13.19 -2.91 13.16
N LEU B 215 -13.31 -3.76 14.17
CA LEU B 215 -14.29 -3.58 15.22
C LEU B 215 -13.81 -2.47 16.15
N LEU B 216 -14.68 -1.51 16.45
CA LEU B 216 -14.24 -0.32 17.19
C LEU B 216 -13.96 -0.63 18.65
N GLU B 217 -14.85 -1.36 19.32
CA GLU B 217 -14.73 -1.66 20.74
C GLU B 217 -14.99 -3.15 20.92
N GLU B 218 -13.96 -3.95 20.76
CA GLU B 218 -14.09 -5.39 20.87
C GLU B 218 -14.20 -5.79 22.33
N ASN B 219 -15.31 -6.43 22.69
CA ASN B 219 -15.49 -7.07 23.99
C ASN B 219 -15.77 -8.54 23.75
N VAL B 220 -14.85 -9.42 24.19
CA VAL B 220 -14.91 -10.83 23.85
C VAL B 220 -15.61 -11.64 24.92
N ALA B 221 -16.08 -11.00 26.00
CA ALA B 221 -16.80 -11.71 27.05
C ALA B 221 -17.89 -12.64 26.53
N PRO B 222 -18.71 -12.26 25.53
CA PRO B 222 -19.73 -13.19 25.04
C PRO B 222 -19.18 -14.56 24.64
N LEU B 223 -17.96 -14.61 24.10
CA LEU B 223 -17.40 -15.93 23.81
C LEU B 223 -17.11 -16.69 25.09
N PHE B 224 -16.39 -16.05 26.02
CA PHE B 224 -15.93 -16.80 27.17
C PHE B 224 -17.08 -17.17 28.10
N ASP B 225 -17.98 -16.22 28.37
CA ASP B 225 -19.23 -16.58 29.05
C ASP B 225 -19.90 -17.75 28.34
N ALA B 226 -19.94 -17.71 27.00
CA ALA B 226 -20.59 -18.79 26.27
C ALA B 226 -19.88 -20.11 26.54
N LEU B 227 -18.55 -20.07 26.63
CA LEU B 227 -17.82 -21.30 26.92
C LEU B 227 -18.16 -21.81 28.31
N LYS B 228 -18.34 -20.89 29.26
CA LYS B 228 -18.60 -21.30 30.63
C LYS B 228 -19.94 -22.01 30.76
N GLN B 229 -20.87 -21.74 29.84
CA GLN B 229 -22.19 -22.36 29.88
C GLN B 229 -22.20 -23.80 29.37
N ILE B 230 -21.05 -24.34 28.98
CA ILE B 230 -20.98 -25.70 28.43
C ILE B 230 -20.45 -26.65 29.49
N ASN B 231 -20.93 -27.88 29.46
CA ASN B 231 -20.60 -28.89 30.44
C ASN B 231 -19.85 -30.05 29.80
N ASP B 232 -18.89 -30.61 30.54
CA ASP B 232 -18.25 -31.88 30.23
C ASP B 232 -17.43 -31.83 28.94
N VAL B 233 -16.92 -30.65 28.57
CA VAL B 233 -15.99 -30.51 27.46
C VAL B 233 -14.82 -29.65 27.92
N ASN B 234 -13.66 -29.90 27.32
CA ASN B 234 -12.47 -29.11 27.60
C ASN B 234 -12.29 -28.00 26.57
N PHE B 235 -11.50 -27.00 26.95
CA PHE B 235 -11.24 -25.83 26.12
C PHE B 235 -9.74 -25.70 25.91
N ILE B 236 -9.29 -25.90 24.68
CA ILE B 236 -7.88 -25.82 24.33
C ILE B 236 -7.68 -24.61 23.43
N PHE B 237 -6.88 -23.66 23.91
CA PHE B 237 -6.65 -22.38 23.24
C PHE B 237 -5.24 -22.33 22.66
N SER B 238 -5.13 -21.74 21.47
CA SER B 238 -3.89 -21.14 21.02
C SER B 238 -3.94 -19.64 21.27
N TYR B 239 -2.79 -18.99 21.18
CA TYR B 239 -2.85 -17.60 21.59
C TYR B 239 -3.22 -16.69 20.43
N PRO B 240 -3.84 -15.54 20.70
CA PRO B 240 -4.10 -14.57 19.65
C PRO B 240 -2.81 -13.97 19.11
N ASN B 241 -2.88 -13.44 17.90
CA ASN B 241 -1.72 -12.92 17.20
C ASN B 241 -1.30 -11.57 17.80
N ALA B 242 -0.43 -10.85 17.08
CA ALA B 242 0.18 -9.63 17.60
C ALA B 242 -0.57 -8.37 17.19
N ASP B 243 -1.73 -8.49 16.55
CA ASP B 243 -2.49 -7.30 16.21
C ASP B 243 -2.90 -6.58 17.50
N ASN B 244 -3.11 -5.27 17.39
CA ASN B 244 -3.53 -4.51 18.56
C ASN B 244 -4.88 -4.99 19.05
N GLY B 245 -5.00 -5.12 20.37
CA GLY B 245 -6.21 -5.63 20.97
C GLY B 245 -6.14 -7.09 21.40
N ASN B 246 -4.95 -7.70 21.41
CA ASN B 246 -4.86 -9.10 21.76
C ASN B 246 -4.69 -9.35 23.26
N THR B 247 -4.19 -8.36 24.01
CA THR B 247 -4.00 -8.60 25.44
C THR B 247 -5.34 -8.70 26.15
N ASN B 248 -6.40 -8.08 25.62
CA ASN B 248 -7.74 -8.29 26.17
C ASN B 248 -8.13 -9.76 26.08
N ILE B 249 -7.89 -10.36 24.92
CA ILE B 249 -8.21 -11.77 24.71
C ILE B 249 -7.34 -12.64 25.60
N VAL B 250 -6.06 -12.32 25.73
CA VAL B 250 -5.18 -13.09 26.61
C VAL B 250 -5.66 -13.00 28.05
N LYS B 251 -6.08 -11.81 28.48
CA LYS B 251 -6.62 -11.65 29.83
C LYS B 251 -7.84 -12.53 30.03
N ALA B 252 -8.77 -12.52 29.07
CA ALA B 252 -9.96 -13.34 29.21
C ALA B 252 -9.60 -14.83 29.25
N MET B 253 -8.61 -15.23 28.45
CA MET B 253 -8.15 -16.63 28.45
C MET B 253 -7.58 -17.02 29.80
N LEU B 254 -6.82 -16.10 30.43
CA LEU B 254 -6.23 -16.42 31.73
C LEU B 254 -7.30 -16.45 32.82
N ASP B 255 -8.29 -15.57 32.72
CA ASP B 255 -9.43 -15.62 33.64
C ASP B 255 -10.13 -16.96 33.53
N LEU B 256 -10.43 -17.40 32.30
CA LEU B 256 -11.05 -18.70 32.10
C LEU B 256 -10.20 -19.82 32.65
N LYS B 257 -8.87 -19.72 32.48
CA LYS B 257 -7.96 -20.74 33.00
C LYS B 257 -8.02 -20.82 34.53
N ALA B 258 -7.97 -19.67 35.19
CA ALA B 258 -8.08 -19.65 36.64
C ALA B 258 -9.45 -20.15 37.10
N GLN B 259 -10.47 -20.00 36.26
CA GLN B 259 -11.82 -20.43 36.62
C GLN B 259 -11.99 -21.95 36.48
N LEU B 260 -11.43 -22.53 35.44
CA LEU B 260 -11.61 -23.95 35.13
C LEU B 260 -10.26 -24.57 34.86
N PRO B 261 -9.41 -24.69 35.89
CA PRO B 261 -8.03 -25.16 35.65
C PRO B 261 -7.94 -26.55 35.06
N ASP B 262 -8.83 -27.46 35.46
CA ASP B 262 -8.77 -28.83 34.97
C ASP B 262 -9.39 -29.00 33.60
N ARG B 263 -10.07 -27.98 33.07
CA ARG B 263 -10.76 -28.07 31.79
C ARG B 263 -10.19 -27.15 30.72
N VAL B 264 -9.11 -26.43 31.00
CA VAL B 264 -8.56 -25.46 30.06
C VAL B 264 -7.08 -25.77 29.84
N LEU B 265 -6.67 -25.75 28.57
CA LEU B 265 -5.27 -25.88 28.19
C LEU B 265 -4.90 -24.69 27.33
N LEU B 266 -4.02 -23.83 27.83
CA LEU B 266 -3.56 -22.66 27.10
C LEU B 266 -2.18 -22.95 26.54
N VAL B 267 -2.07 -22.99 25.21
CA VAL B 267 -0.79 -23.20 24.54
C VAL B 267 -0.49 -21.98 23.67
N LYS B 268 0.67 -21.36 23.89
CA LYS B 268 0.99 -20.14 23.14
C LYS B 268 1.07 -20.43 21.65
N SER B 269 1.70 -21.54 21.27
CA SER B 269 1.78 -21.91 19.87
C SER B 269 2.14 -23.38 19.75
N PHE B 270 1.30 -24.14 19.07
CA PHE B 270 1.62 -25.52 18.73
C PHE B 270 2.52 -25.55 17.50
N GLY B 271 3.31 -26.61 17.39
CA GLY B 271 3.82 -26.98 16.08
C GLY B 271 2.64 -27.33 15.17
N ILE B 272 2.77 -27.00 13.88
CA ILE B 272 1.61 -27.20 13.01
C ILE B 272 1.31 -28.68 12.87
N GLN B 273 2.31 -29.55 13.04
CA GLN B 273 2.00 -30.97 13.19
C GLN B 273 1.12 -31.19 14.41
N ASN B 274 1.55 -30.67 15.57
CA ASN B 274 0.73 -30.74 16.77
C ASN B 274 -0.60 -30.02 16.57
N TYR B 275 -0.59 -28.85 15.93
CA TYR B 275 -1.82 -28.07 15.79
C TYR B 275 -2.85 -28.82 14.94
N LEU B 276 -2.43 -29.37 13.81
CA LEU B 276 -3.33 -30.17 13.00
C LEU B 276 -3.78 -31.43 13.72
N SER B 277 -2.89 -32.00 14.56
CA SER B 277 -3.29 -33.16 15.36
C SER B 277 -4.40 -32.78 16.34
N VAL B 278 -4.29 -31.63 16.98
CA VAL B 278 -5.30 -31.19 17.92
C VAL B 278 -6.60 -30.83 17.20
N LEU B 279 -6.49 -30.13 16.07
CA LEU B 279 -7.67 -29.72 15.32
C LEU B 279 -8.44 -30.91 14.77
N LYS B 280 -7.72 -31.95 14.32
CA LYS B 280 -8.38 -33.11 13.74
C LYS B 280 -9.35 -33.77 14.71
N ASN B 281 -9.01 -33.79 16.00
CA ASN B 281 -9.81 -34.50 17.00
C ASN B 281 -10.75 -33.59 17.79
N ALA B 282 -10.80 -32.30 17.48
CA ALA B 282 -11.65 -31.38 18.23
C ALA B 282 -13.11 -31.56 17.86
N LEU B 283 -13.99 -31.30 18.83
CA LEU B 283 -15.40 -31.18 18.52
C LEU B 283 -15.65 -30.10 17.49
N ALA B 284 -14.93 -28.98 17.60
CA ALA B 284 -15.08 -27.88 16.68
C ALA B 284 -13.88 -26.94 16.77
N MET B 285 -13.67 -26.23 15.67
CA MET B 285 -12.75 -25.10 15.63
C MET B 285 -13.56 -23.83 15.89
N VAL B 286 -13.42 -23.30 17.10
CA VAL B 286 -14.16 -22.12 17.53
C VAL B 286 -13.24 -20.91 17.43
N GLY B 287 -13.81 -19.78 17.00
CA GLY B 287 -13.06 -18.54 16.98
C GLY B 287 -13.22 -17.81 15.67
N ASN B 288 -12.18 -17.10 15.22
CA ASN B 288 -12.24 -16.38 13.97
C ASN B 288 -10.94 -16.49 13.17
N SER B 289 -10.25 -17.61 13.30
CA SER B 289 -9.00 -17.83 12.57
C SER B 289 -9.29 -18.36 11.17
N SER B 290 -8.31 -18.17 10.28
CA SER B 290 -8.46 -18.66 8.92
C SER B 290 -8.45 -20.18 8.85
N SER B 291 -7.87 -20.85 9.85
CA SER B 291 -7.93 -22.31 9.86
C SER B 291 -9.36 -22.80 9.96
N GLY B 292 -10.26 -22.00 10.55
CA GLY B 292 -11.64 -22.42 10.65
C GLY B 292 -12.28 -22.67 9.31
N LEU B 293 -11.75 -22.05 8.25
CA LEU B 293 -12.38 -22.18 6.95
C LEU B 293 -11.55 -22.88 5.90
N SER B 294 -10.29 -23.25 6.19
CA SER B 294 -9.52 -24.09 5.28
C SER B 294 -9.16 -25.42 5.94
N GLU B 295 -8.31 -25.40 6.98
CA GLU B 295 -7.89 -26.64 7.63
C GLU B 295 -9.06 -27.39 8.23
N ALA B 296 -9.89 -26.69 9.01
CA ALA B 296 -10.96 -27.35 9.75
C ALA B 296 -11.97 -28.08 8.85
N PRO B 297 -12.45 -27.51 7.73
CA PRO B 297 -13.27 -28.33 6.82
C PRO B 297 -12.51 -29.47 6.18
N ALA B 298 -11.22 -29.27 5.85
CA ALA B 298 -10.43 -30.33 5.23
C ALA B 298 -10.24 -31.53 6.15
N LEU B 299 -10.17 -31.30 7.46
CA LEU B 299 -10.10 -32.37 8.43
C LEU B 299 -11.48 -32.80 8.93
N GLN B 300 -12.55 -32.39 8.24
CA GLN B 300 -13.92 -32.81 8.55
C GLN B 300 -14.33 -32.43 9.96
N VAL B 301 -13.82 -31.31 10.46
CA VAL B 301 -14.14 -30.81 11.80
C VAL B 301 -15.02 -29.58 11.65
N PRO B 302 -16.14 -29.49 12.36
CA PRO B 302 -17.03 -28.34 12.22
C PRO B 302 -16.36 -27.07 12.73
N THR B 303 -16.78 -25.94 12.16
CA THR B 303 -16.25 -24.64 12.52
C THR B 303 -17.35 -23.76 13.08
N VAL B 304 -17.08 -23.13 14.23
CA VAL B 304 -17.90 -22.03 14.73
C VAL B 304 -17.08 -20.76 14.55
N ASN B 305 -17.45 -19.99 13.52
CA ASN B 305 -16.76 -18.75 13.16
C ASN B 305 -17.53 -17.57 13.72
N ILE B 306 -16.86 -16.77 14.54
CA ILE B 306 -17.45 -15.69 15.30
C ILE B 306 -17.02 -14.37 14.68
N GLY B 307 -17.98 -13.48 14.46
CA GLY B 307 -17.64 -12.16 13.99
C GLY B 307 -17.37 -12.12 12.50
N ASP B 308 -16.70 -11.05 12.08
CA ASP B 308 -16.51 -10.72 10.67
C ASP B 308 -15.06 -10.79 10.22
N ARG B 309 -14.15 -11.31 11.05
CA ARG B 309 -12.75 -11.37 10.63
C ARG B 309 -12.58 -12.21 9.37
N GLN B 310 -13.38 -13.27 9.21
CA GLN B 310 -13.31 -14.14 8.05
C GLN B 310 -14.43 -13.85 7.05
N LYS B 311 -15.08 -12.70 7.15
CA LYS B 311 -16.24 -12.41 6.34
C LYS B 311 -15.82 -12.16 4.90
N GLY B 312 -16.41 -12.92 3.97
CA GLY B 312 -16.10 -12.86 2.57
C GLY B 312 -15.43 -14.09 2.02
N ARG B 313 -14.83 -14.91 2.88
CA ARG B 313 -14.17 -16.12 2.43
C ARG B 313 -15.17 -17.16 1.96
N LEU B 314 -14.70 -18.07 1.11
CA LEU B 314 -15.55 -19.12 0.57
C LEU B 314 -16.10 -19.98 1.70
N ARG B 315 -17.40 -20.24 1.64
CA ARG B 315 -18.10 -20.99 2.66
C ARG B 315 -18.38 -22.42 2.20
N CYS B 316 -18.66 -23.28 3.17
CA CYS B 316 -19.15 -24.62 2.92
C CYS B 316 -20.10 -24.98 4.05
N GLU B 317 -20.69 -26.17 3.96
CA GLU B 317 -21.82 -26.48 4.82
C GLU B 317 -21.43 -26.75 6.26
N SER B 318 -20.18 -27.08 6.54
CA SER B 318 -19.72 -27.29 7.91
C SER B 318 -19.26 -26.01 8.59
N ILE B 319 -19.54 -24.85 7.99
CA ILE B 319 -19.16 -23.55 8.55
C ILE B 319 -20.38 -22.95 9.24
N LEU B 320 -20.27 -22.73 10.55
CA LEU B 320 -21.32 -22.10 11.35
C LEU B 320 -20.89 -20.67 11.65
N ASP B 321 -21.55 -19.70 11.01
CA ASP B 321 -21.25 -18.29 11.22
C ASP B 321 -22.19 -17.71 12.28
N VAL B 322 -21.59 -17.12 13.32
CA VAL B 322 -22.36 -16.48 14.39
C VAL B 322 -21.78 -15.10 14.69
N ARG B 323 -22.61 -14.27 15.31
CA ARG B 323 -22.17 -12.99 15.83
C ARG B 323 -21.40 -13.20 17.14
N LEU B 324 -20.68 -12.15 17.55
CA LEU B 324 -20.08 -12.14 18.88
C LEU B 324 -21.19 -11.95 19.91
N ASP B 325 -21.96 -13.00 20.12
CA ASP B 325 -23.17 -12.95 20.93
C ASP B 325 -23.26 -14.22 21.75
N GLU B 326 -23.51 -14.07 23.06
CA GLU B 326 -23.43 -15.22 23.96
C GLU B 326 -24.39 -16.33 23.56
N ASN B 327 -25.64 -15.98 23.21
CA ASN B 327 -26.62 -17.02 22.90
C ASN B 327 -26.33 -17.70 21.56
N GLU B 328 -26.02 -16.91 20.52
CA GLU B 328 -25.65 -17.51 19.24
C GLU B 328 -24.46 -18.47 19.39
N ILE B 329 -23.46 -18.06 20.17
CA ILE B 329 -22.27 -18.90 20.36
C ILE B 329 -22.62 -20.17 21.14
N VAL B 330 -23.36 -20.02 22.25
CA VAL B 330 -23.75 -21.19 23.04
C VAL B 330 -24.51 -22.19 22.18
N GLU B 331 -25.42 -21.70 21.33
CA GLU B 331 -26.25 -22.61 20.55
C GLU B 331 -25.46 -23.26 19.42
N ALA B 332 -24.56 -22.52 18.78
CA ALA B 332 -23.69 -23.14 17.78
C ALA B 332 -22.80 -24.20 18.41
N LEU B 333 -22.32 -23.94 19.63
CA LEU B 333 -21.52 -24.94 20.35
C LEU B 333 -22.35 -26.17 20.67
N GLN B 334 -23.54 -25.98 21.23
CA GLN B 334 -24.41 -27.12 21.54
C GLN B 334 -24.69 -27.95 20.30
N LYS B 335 -24.90 -27.30 19.16
CA LYS B 335 -25.05 -28.05 17.92
C LYS B 335 -23.79 -28.85 17.61
N ALA B 336 -22.63 -28.20 17.63
CA ALA B 336 -21.39 -28.90 17.30
C ALA B 336 -21.18 -30.11 18.19
N ILE B 337 -21.54 -29.99 19.48
CA ILE B 337 -21.47 -31.13 20.39
C ILE B 337 -22.45 -32.21 19.96
N ASN B 338 -23.72 -31.85 19.77
CA ASN B 338 -24.80 -32.84 19.78
C ASN B 338 -24.71 -33.76 18.57
N PHE B 339 -24.47 -33.21 17.37
CA PHE B 339 -24.32 -33.97 16.12
C PHE B 339 -23.73 -35.36 16.37
N LEU B 353 -4.94 -31.30 -5.39
CA LEU B 353 -5.04 -32.22 -4.25
C LEU B 353 -3.67 -32.53 -3.66
N GLY B 354 -2.96 -31.50 -3.20
CA GLY B 354 -1.75 -31.70 -2.42
C GLY B 354 -0.44 -31.64 -3.15
N ASN B 355 -0.41 -31.15 -4.40
CA ASN B 355 0.83 -30.92 -5.12
C ASN B 355 1.17 -29.43 -5.19
N THR B 356 0.57 -28.61 -4.33
CA THR B 356 0.69 -27.16 -4.42
C THR B 356 2.14 -26.70 -4.42
N SER B 357 2.94 -27.23 -3.49
CA SER B 357 4.34 -26.82 -3.37
C SER B 357 5.10 -27.02 -4.67
N GLN B 358 5.01 -28.21 -5.26
CA GLN B 358 5.75 -28.48 -6.49
C GLN B 358 5.27 -27.59 -7.63
N LYS B 359 3.95 -27.36 -7.72
CA LYS B 359 3.44 -26.45 -8.75
C LYS B 359 4.07 -25.08 -8.62
N ILE B 360 4.04 -24.52 -7.40
CA ILE B 360 4.66 -23.21 -7.17
C ILE B 360 6.13 -23.24 -7.57
N ILE B 361 6.85 -24.30 -7.20
CA ILE B 361 8.27 -24.37 -7.48
C ILE B 361 8.54 -24.36 -8.98
N GLU B 362 7.83 -25.20 -9.74
CA GLU B 362 8.12 -25.24 -11.16
C GLU B 362 7.64 -23.99 -11.87
N VAL B 363 6.64 -23.31 -11.32
CA VAL B 363 6.27 -22.01 -11.87
C VAL B 363 7.39 -21.00 -11.64
N ILE B 364 7.95 -20.97 -10.43
CA ILE B 364 9.04 -20.06 -10.12
C ILE B 364 10.28 -20.40 -10.96
N LYS B 365 10.46 -21.68 -11.29
CA LYS B 365 11.61 -22.07 -12.10
C LYS B 365 11.43 -21.68 -13.56
N THR B 366 10.21 -21.84 -14.08
CA THR B 366 9.95 -21.73 -15.51
C THR B 366 9.36 -20.38 -15.92
N THR B 367 9.26 -19.43 -15.01
CA THR B 367 8.65 -18.14 -15.29
C THR B 367 9.61 -17.00 -14.98
N ASP B 368 9.55 -15.95 -15.79
CA ASP B 368 10.32 -14.72 -15.59
C ASP B 368 9.37 -13.64 -15.08
N PHE B 369 9.56 -13.22 -13.83
CA PHE B 369 8.74 -12.20 -13.20
C PHE B 369 9.62 -11.16 -12.54
N LYS B 370 10.77 -10.89 -13.16
CA LYS B 370 11.72 -9.94 -12.58
C LYS B 370 11.16 -8.53 -12.53
N LYS B 371 10.31 -8.16 -13.50
CA LYS B 371 9.73 -6.82 -13.56
C LYS B 371 8.22 -6.89 -13.35
N LYS B 372 7.68 -5.89 -12.67
CA LYS B 372 6.24 -5.78 -12.53
C LYS B 372 5.59 -5.58 -13.89
N ALA B 373 4.64 -6.44 -14.22
CA ALA B 373 3.95 -6.33 -15.49
C ALA B 373 2.98 -5.14 -15.46
N PRO B 374 2.62 -4.59 -16.62
CA PRO B 374 1.78 -3.38 -16.65
C PRO B 374 0.40 -3.64 -16.06
N PHE B 375 -0.29 -2.54 -15.75
CA PHE B 375 -1.64 -2.67 -15.22
C PHE B 375 -2.56 -3.26 -16.27
N TYR B 376 -3.31 -4.28 -15.88
CA TYR B 376 -4.21 -4.99 -16.77
C TYR B 376 -5.60 -4.37 -16.66
N ASP B 377 -5.94 -3.53 -17.63
CA ASP B 377 -7.31 -3.04 -17.73
C ASP B 377 -8.22 -4.15 -18.24
N LEU B 378 -9.34 -4.37 -17.56
CA LEU B 378 -10.34 -5.31 -18.04
C LEU B 378 -11.07 -4.74 -19.26
N LEU B 379 -11.30 -5.60 -20.25
CA LEU B 379 -11.83 -5.25 -21.59
C LEU B 379 -12.49 -3.88 -21.72
#